data_8ZB1
#
_entry.id   8ZB1
#
_cell.length_a   1.00
_cell.length_b   1.00
_cell.length_c   1.00
_cell.angle_alpha   90.00
_cell.angle_beta   90.00
_cell.angle_gamma   90.00
#
_symmetry.space_group_name_H-M   'P 1'
#
loop_
_entity.id
_entity.type
_entity.pdbx_description
1 polymer 'Ceramide synthase LAC1'
2 polymer 'Ceramide synthase subunit LIP1'
3 non-polymer '(4S,7R)-4-HYDROXY-N,N,N-TRIMETHYL-9-OXO-7-[(PALMITOYLOXY)METHYL]-3,5,8-TRIOXA-4-PHOSPHAHEXACOSAN-1-AMINIUM 4-OXIDE'
4 non-polymer '(2~{R})-2-[2-[(5~{R},6~{R},7~{S},9~{S},11~{R},16~{R},18~{S},19~{S})-6-[(3~{R})-3-carboxy-5-oxidanyl-5-oxidanylidene-pentanoyl]oxy-19-(hexacosanoylamino)-5,9-dimethyl-11,16,18-tris(oxidanyl)icosan-7-yl]oxy-2-oxidanylidene-ethyl]butanedioic acid'
#
loop_
_entity_poly.entity_id
_entity_poly.type
_entity_poly.pdbx_seq_one_letter_code
_entity_poly.pdbx_strand_id
1 'polypeptide(L)'
;MSTIKPSPSNNNLKVRSRPRRKSSIGKIDLGDTVPSLGTMFETKESKTAAKRRMQRLSEATKNDSDLVKKIWFSFREISY
RHAWIAPLMILIAVYSAYFTSGNTTKTNVLHRFVAVSYQIGDTNAYGKGINDLCFVFYYMIFFTFLREFLMDVVIRPFAI
RLHVTSKHRIKRIMEQMYAIFYTGVSGPFGIYCMYHSDLWFFNTKAMYRTYPDFTNPFLFKVFYLGQAAFWAQQACILVL
QLEKPRKDHNELTFHHIVTLLLIWSSYVFHFTKMGLPIYITMDVSDFLLSFSKTLNYLDSGLAFFSFAIFVVAWIYLRHY
INLKILWSVLTQFRTEGNYVLNFATQQYKCWISLPIVFVLIGALQLVNLYWLFLIFRVLYRILWRGILKDDRSDSESDEE
SDESSTTPTDSTPTKKDILEDYKDDDDK
;
A,C
2 'polypeptide(L)'
;MSQPTPIITTKSAAKPKPKIFNLFRVCFISLLLIAAVEYFKYGTRINYEWFHCTPIKEPQSGSVIKLWARGGPSCDKRGE
YKTIVKRITRDYEPNDEHLSFCIIENDNVPPVHYPIHEDKGEPGYVAYVGYDTDSELVQELCADSTIYHM
;
B,D
#
# COMPACT_ATOMS: atom_id res chain seq x y z
N ILE A 71 -14.57 -29.03 -35.25
CA ILE A 71 -15.81 -28.34 -34.93
C ILE A 71 -15.41 -26.89 -34.62
N TRP A 72 -14.15 -26.57 -34.87
CA TRP A 72 -13.62 -25.23 -34.63
C TRP A 72 -14.36 -24.20 -35.48
N PHE A 73 -14.50 -24.48 -36.78
CA PHE A 73 -15.25 -23.61 -37.67
C PHE A 73 -16.74 -23.55 -37.30
N SER A 74 -17.35 -24.67 -36.94
CA SER A 74 -18.75 -24.67 -36.53
C SER A 74 -18.95 -23.81 -35.29
N PHE A 75 -18.07 -23.96 -34.29
CA PHE A 75 -18.16 -23.14 -33.09
C PHE A 75 -17.92 -21.67 -33.40
N ARG A 76 -16.98 -21.37 -34.29
CA ARG A 76 -16.75 -19.98 -34.67
C ARG A 76 -17.99 -19.38 -35.32
N GLU A 77 -18.61 -20.11 -36.24
CA GLU A 77 -19.83 -19.63 -36.89
C GLU A 77 -20.98 -19.46 -35.90
N ILE A 78 -21.15 -20.41 -34.99
CA ILE A 78 -22.24 -20.31 -34.01
C ILE A 78 -22.00 -19.12 -33.08
N SER A 79 -20.79 -18.96 -32.57
CA SER A 79 -20.45 -17.84 -31.70
C SER A 79 -20.50 -16.50 -32.42
N TYR A 80 -20.38 -16.49 -33.74
CA TYR A 80 -20.60 -15.25 -34.52
C TYR A 80 -22.09 -14.97 -34.61
N ARG A 81 -22.86 -15.94 -35.09
CA ARG A 81 -24.30 -15.80 -35.21
C ARG A 81 -24.96 -15.67 -33.85
N HIS A 82 -24.85 -16.71 -33.02
CA HIS A 82 -25.44 -16.70 -31.69
C HIS A 82 -24.38 -16.43 -30.64
N ALA A 83 -24.37 -15.22 -30.08
CA ALA A 83 -23.38 -14.84 -29.09
C ALA A 83 -23.66 -15.43 -27.71
N TRP A 84 -24.84 -16.03 -27.52
CA TRP A 84 -25.24 -16.53 -26.21
C TRP A 84 -24.87 -17.99 -25.99
N ILE A 85 -24.30 -18.66 -27.00
CA ILE A 85 -24.04 -20.09 -26.88
C ILE A 85 -22.94 -20.37 -25.86
N ALA A 86 -21.88 -19.56 -25.85
CA ALA A 86 -20.79 -19.75 -24.89
C ALA A 86 -21.26 -19.51 -23.45
N PRO A 87 -21.93 -18.39 -23.14
CA PRO A 87 -22.46 -18.23 -21.78
C PRO A 87 -23.49 -19.29 -21.43
N LEU A 88 -24.30 -19.75 -22.38
CA LEU A 88 -25.23 -20.83 -22.10
C LEU A 88 -24.48 -22.10 -21.72
N MET A 89 -23.39 -22.41 -22.42
CA MET A 89 -22.59 -23.57 -22.08
C MET A 89 -22.00 -23.44 -20.68
N ILE A 90 -21.48 -22.26 -20.34
CA ILE A 90 -20.93 -22.05 -19.00
C ILE A 90 -22.00 -22.24 -17.94
N LEU A 91 -23.18 -21.64 -18.14
CA LEU A 91 -24.24 -21.74 -17.15
C LEU A 91 -24.72 -23.17 -17.00
N ILE A 92 -24.90 -23.85 -18.12
CA ILE A 92 -25.35 -25.23 -18.11
C ILE A 92 -24.36 -26.13 -17.39
N ALA A 93 -23.08 -25.93 -17.66
CA ALA A 93 -22.04 -26.72 -17.01
C ALA A 93 -22.05 -26.51 -15.51
N VAL A 94 -22.09 -25.25 -15.07
CA VAL A 94 -22.04 -24.97 -13.63
C VAL A 94 -23.28 -25.51 -12.94
N TYR A 95 -24.47 -25.28 -13.51
CA TYR A 95 -25.69 -25.79 -12.89
C TYR A 95 -25.75 -27.30 -12.87
N SER A 96 -25.33 -27.97 -13.95
CA SER A 96 -25.32 -29.43 -13.94
C SER A 96 -24.34 -29.98 -12.91
N ALA A 97 -23.16 -29.38 -12.81
CA ALA A 97 -22.19 -29.83 -11.82
C ALA A 97 -22.71 -29.62 -10.40
N TYR A 98 -23.42 -28.52 -10.17
CA TYR A 98 -23.92 -28.24 -8.83
C TYR A 98 -25.09 -29.13 -8.46
N PHE A 99 -26.03 -29.34 -9.38
CA PHE A 99 -27.25 -30.07 -9.07
C PHE A 99 -27.10 -31.58 -9.20
N THR A 100 -26.15 -32.06 -9.98
CA THR A 100 -25.86 -33.49 -10.09
C THR A 100 -24.75 -33.77 -9.09
N SER A 101 -25.11 -33.81 -7.81
CA SER A 101 -24.15 -33.93 -6.73
C SER A 101 -24.90 -34.31 -5.46
N GLY A 102 -24.21 -34.21 -4.34
CA GLY A 102 -24.80 -34.50 -3.05
C GLY A 102 -25.22 -33.24 -2.34
N ASN A 103 -24.38 -32.76 -1.42
CA ASN A 103 -24.67 -31.54 -0.68
C ASN A 103 -24.88 -30.36 -1.62
N THR A 104 -26.11 -29.84 -1.67
CA THR A 104 -26.43 -28.64 -2.41
C THR A 104 -26.39 -27.40 -1.50
N THR A 105 -25.99 -27.56 -0.26
CA THR A 105 -25.97 -26.49 0.72
C THR A 105 -24.66 -25.72 0.60
N LYS A 106 -24.39 -24.86 1.57
CA LYS A 106 -23.20 -24.01 1.59
C LYS A 106 -21.85 -24.74 1.59
N THR A 107 -21.88 -26.05 1.79
CA THR A 107 -20.65 -26.84 1.83
C THR A 107 -20.12 -27.18 0.44
N ASN A 108 -20.89 -26.87 -0.60
CA ASN A 108 -20.44 -27.05 -1.97
C ASN A 108 -19.65 -25.82 -2.44
N VAL A 109 -18.67 -26.07 -3.30
CA VAL A 109 -17.89 -24.97 -3.85
C VAL A 109 -18.67 -24.16 -4.88
N LEU A 110 -19.65 -24.77 -5.56
CA LEU A 110 -20.41 -24.04 -6.57
C LEU A 110 -21.54 -23.24 -5.94
N HIS A 111 -21.80 -23.43 -4.65
CA HIS A 111 -22.89 -22.72 -3.99
C HIS A 111 -22.60 -21.23 -3.90
N ARG A 112 -21.33 -20.84 -3.76
CA ARG A 112 -21.00 -19.42 -3.69
C ARG A 112 -21.26 -18.71 -5.02
N PHE A 113 -21.35 -19.47 -6.12
CA PHE A 113 -21.70 -18.89 -7.41
C PHE A 113 -23.20 -18.96 -7.67
N VAL A 114 -23.79 -20.12 -7.44
CA VAL A 114 -25.19 -20.32 -7.78
C VAL A 114 -26.11 -19.53 -6.83
N ALA A 115 -25.80 -19.53 -5.54
CA ALA A 115 -26.68 -18.99 -4.52
C ALA A 115 -26.01 -17.90 -3.71
N VAL A 116 -26.81 -17.18 -2.94
CA VAL A 116 -26.30 -16.18 -2.02
C VAL A 116 -25.87 -16.87 -0.73
N SER A 117 -24.76 -16.41 -0.16
CA SER A 117 -24.16 -17.09 0.99
C SER A 117 -24.33 -16.25 2.25
N TYR A 118 -23.71 -16.71 3.34
CA TYR A 118 -23.64 -15.99 4.61
C TYR A 118 -25.02 -15.84 5.26
N GLN A 119 -25.76 -16.94 5.29
CA GLN A 119 -27.02 -16.95 6.03
C GLN A 119 -26.74 -16.93 7.52
N ILE A 120 -27.40 -16.01 8.23
CA ILE A 120 -27.18 -15.88 9.66
C ILE A 120 -28.01 -16.94 10.39
N GLY A 121 -27.38 -18.04 10.75
CA GLY A 121 -28.08 -19.13 11.43
C GLY A 121 -29.08 -19.82 10.52
N ASP A 122 -30.36 -19.74 10.87
CA ASP A 122 -31.42 -20.33 10.06
C ASP A 122 -32.58 -19.34 10.03
N THR A 123 -32.28 -18.05 10.18
CA THR A 123 -33.30 -17.02 10.06
C THR A 123 -33.33 -16.51 8.63
N ASN A 124 -34.06 -15.43 8.37
CA ASN A 124 -34.09 -14.81 7.05
C ASN A 124 -33.32 -13.49 7.16
N ALA A 125 -31.99 -13.59 7.04
CA ALA A 125 -31.10 -12.44 7.07
C ALA A 125 -29.73 -12.92 6.63
N TYR A 126 -29.20 -12.33 5.57
CA TYR A 126 -27.91 -12.75 5.05
C TYR A 126 -26.81 -11.71 5.23
N GLY A 127 -25.61 -12.20 5.47
CA GLY A 127 -24.45 -11.35 5.65
C GLY A 127 -23.74 -11.05 4.35
N LYS A 128 -22.57 -10.44 4.49
CA LYS A 128 -21.76 -10.01 3.36
C LYS A 128 -20.38 -10.67 3.41
N GLY A 129 -19.75 -10.78 2.24
CA GLY A 129 -18.45 -11.38 2.12
C GLY A 129 -17.92 -11.37 0.70
N ILE A 130 -17.09 -12.35 0.34
CA ILE A 130 -16.51 -12.43 -0.99
C ILE A 130 -17.30 -13.35 -1.91
N ASN A 131 -18.06 -14.29 -1.36
CA ASN A 131 -19.02 -15.05 -2.15
C ASN A 131 -20.08 -14.15 -2.76
N ASP A 132 -20.26 -12.95 -2.22
CA ASP A 132 -21.06 -11.93 -2.90
C ASP A 132 -20.44 -11.54 -4.24
N LEU A 133 -19.13 -11.34 -4.26
CA LEU A 133 -18.43 -11.08 -5.52
C LEU A 133 -18.54 -12.26 -6.46
N CYS A 134 -18.40 -13.48 -5.93
CA CYS A 134 -18.55 -14.66 -6.79
C CYS A 134 -19.94 -14.75 -7.41
N PHE A 135 -20.98 -14.52 -6.60
CA PHE A 135 -22.36 -14.52 -7.09
C PHE A 135 -22.57 -13.44 -8.14
N VAL A 136 -22.04 -12.24 -7.90
CA VAL A 136 -22.20 -11.14 -8.84
C VAL A 136 -21.54 -11.48 -10.17
N PHE A 137 -20.34 -12.08 -10.13
CA PHE A 137 -19.65 -12.44 -11.36
C PHE A 137 -20.40 -13.53 -12.13
N TYR A 138 -20.84 -14.58 -11.42
CA TYR A 138 -21.56 -15.64 -12.11
C TYR A 138 -22.85 -15.12 -12.73
N TYR A 139 -23.53 -14.19 -12.07
CA TYR A 139 -24.75 -13.70 -12.68
C TYR A 139 -24.52 -12.56 -13.67
N MET A 140 -23.33 -11.96 -13.69
CA MET A 140 -22.92 -11.20 -14.87
C MET A 140 -22.87 -12.12 -16.08
N ILE A 141 -22.28 -13.30 -15.91
CA ILE A 141 -22.28 -14.27 -17.00
C ILE A 141 -23.71 -14.66 -17.38
N PHE A 142 -24.56 -14.90 -16.37
CA PHE A 142 -25.95 -15.24 -16.64
C PHE A 142 -26.69 -14.14 -17.40
N PHE A 143 -26.51 -12.87 -17.04
CA PHE A 143 -27.20 -11.80 -17.72
C PHE A 143 -26.63 -11.60 -19.12
N THR A 144 -25.34 -11.84 -19.30
CA THR A 144 -24.77 -11.84 -20.65
C THR A 144 -25.44 -12.89 -21.52
N PHE A 145 -25.67 -14.08 -20.97
CA PHE A 145 -26.40 -15.10 -21.73
C PHE A 145 -27.82 -14.65 -22.02
N LEU A 146 -28.53 -14.17 -20.99
CA LEU A 146 -29.95 -13.86 -21.13
C LEU A 146 -30.18 -12.75 -22.13
N ARG A 147 -29.36 -11.69 -22.07
CA ARG A 147 -29.50 -10.59 -23.00
C ARG A 147 -29.51 -11.08 -24.44
N GLU A 148 -28.44 -11.77 -24.84
CA GLU A 148 -28.33 -12.21 -26.23
C GLU A 148 -29.38 -13.24 -26.59
N PHE A 149 -29.58 -14.26 -25.75
CA PHE A 149 -30.52 -15.32 -26.10
C PHE A 149 -31.94 -14.78 -26.22
N LEU A 150 -32.41 -14.07 -25.19
CA LEU A 150 -33.75 -13.52 -25.24
C LEU A 150 -33.89 -12.58 -26.43
N MET A 151 -32.99 -11.58 -26.52
CA MET A 151 -33.03 -10.63 -27.62
C MET A 151 -33.21 -11.33 -28.95
N ASP A 152 -32.25 -12.16 -29.33
CA ASP A 152 -32.33 -12.85 -30.61
C ASP A 152 -33.61 -13.67 -30.71
N VAL A 153 -33.69 -14.75 -29.92
CA VAL A 153 -34.67 -15.80 -30.16
C VAL A 153 -36.10 -15.27 -30.06
N VAL A 154 -36.36 -14.35 -29.14
CA VAL A 154 -37.72 -13.84 -28.99
C VAL A 154 -37.96 -12.62 -29.87
N ILE A 155 -37.14 -11.57 -29.73
CA ILE A 155 -37.45 -10.31 -30.38
C ILE A 155 -37.34 -10.38 -31.91
N ARG A 156 -36.41 -11.19 -32.43
CA ARG A 156 -36.27 -11.33 -33.86
C ARG A 156 -37.64 -11.62 -34.47
N PRO A 157 -38.25 -12.76 -34.10
CA PRO A 157 -39.57 -13.11 -34.61
C PRO A 157 -40.62 -12.03 -34.36
N PHE A 158 -40.65 -11.48 -33.15
CA PHE A 158 -41.62 -10.44 -32.79
C PHE A 158 -41.45 -9.14 -33.57
N ALA A 159 -40.20 -8.69 -33.72
CA ALA A 159 -39.91 -7.45 -34.41
C ALA A 159 -39.86 -7.60 -35.93
N ILE A 160 -39.87 -8.84 -36.43
CA ILE A 160 -39.97 -9.08 -37.87
C ILE A 160 -41.39 -9.33 -38.32
N ARG A 161 -42.20 -10.08 -37.56
CA ARG A 161 -43.61 -10.23 -37.84
C ARG A 161 -44.38 -8.93 -37.64
N LEU A 162 -43.74 -7.93 -37.03
CA LEU A 162 -44.25 -6.57 -36.99
C LEU A 162 -43.51 -5.76 -38.03
N HIS A 163 -44.30 -5.10 -38.88
CA HIS A 163 -43.85 -4.30 -40.01
C HIS A 163 -42.89 -3.16 -39.73
N VAL A 164 -41.73 -3.47 -39.19
CA VAL A 164 -40.72 -2.44 -38.96
C VAL A 164 -39.60 -2.65 -39.96
N THR A 165 -39.46 -1.71 -40.89
CA THR A 165 -38.48 -1.82 -41.95
C THR A 165 -37.40 -0.75 -41.95
N SER A 166 -36.35 -1.00 -41.18
CA SER A 166 -35.20 -0.09 -41.12
C SER A 166 -34.05 -0.76 -40.39
N LYS A 167 -33.01 0.01 -40.12
CA LYS A 167 -31.83 -0.48 -39.39
C LYS A 167 -31.85 0.15 -38.00
N HIS A 168 -32.02 1.46 -37.95
CA HIS A 168 -32.07 2.20 -36.70
C HIS A 168 -33.33 1.81 -35.94
N ARG A 169 -34.44 1.67 -36.66
CA ARG A 169 -35.70 1.28 -36.03
C ARG A 169 -35.61 -0.12 -35.43
N ILE A 170 -35.02 -1.07 -36.17
CA ILE A 170 -34.95 -2.44 -35.67
C ILE A 170 -33.99 -2.53 -34.48
N LYS A 171 -32.85 -1.85 -34.54
CA LYS A 171 -31.90 -1.92 -33.43
C LYS A 171 -32.47 -1.31 -32.16
N ARG A 172 -33.10 -0.14 -32.28
CA ARG A 172 -33.66 0.49 -31.09
C ARG A 172 -34.92 -0.20 -30.58
N ILE A 173 -35.75 -0.77 -31.45
CA ILE A 173 -36.87 -1.54 -30.94
C ILE A 173 -36.37 -2.79 -30.23
N MET A 174 -35.29 -3.41 -30.75
CA MET A 174 -34.58 -4.46 -30.04
C MET A 174 -34.26 -4.06 -28.61
N GLU A 175 -33.43 -3.01 -28.49
CA GLU A 175 -32.98 -2.52 -27.19
C GLU A 175 -34.09 -2.09 -26.23
N GLN A 176 -35.12 -1.44 -26.74
CA GLN A 176 -36.19 -0.98 -25.86
C GLN A 176 -37.13 -2.11 -25.46
N MET A 177 -37.36 -3.10 -26.33
CA MET A 177 -38.14 -4.24 -25.87
C MET A 177 -37.39 -5.08 -24.83
N TYR A 178 -36.07 -5.24 -24.98
CA TYR A 178 -35.34 -5.94 -23.93
C TYR A 178 -35.40 -5.16 -22.62
N ALA A 179 -35.26 -3.83 -22.69
CA ALA A 179 -35.37 -3.01 -21.49
C ALA A 179 -36.75 -3.11 -20.86
N ILE A 180 -37.81 -3.12 -21.68
CA ILE A 180 -39.16 -3.34 -21.17
C ILE A 180 -39.25 -4.66 -20.43
N PHE A 181 -38.73 -5.75 -21.00
CA PHE A 181 -38.80 -7.04 -20.30
C PHE A 181 -38.07 -7.00 -18.98
N TYR A 182 -36.80 -6.58 -18.99
CA TYR A 182 -36.02 -6.60 -17.76
C TYR A 182 -36.63 -5.73 -16.70
N THR A 183 -37.09 -4.53 -17.08
CA THR A 183 -37.63 -3.63 -16.08
C THR A 183 -39.00 -4.09 -15.60
N GLY A 184 -39.80 -4.71 -16.46
CA GLY A 184 -41.05 -5.28 -16.00
C GLY A 184 -40.82 -6.39 -15.00
N VAL A 185 -39.69 -7.09 -15.11
CA VAL A 185 -39.36 -8.09 -14.08
C VAL A 185 -38.85 -7.42 -12.81
N SER A 186 -37.97 -6.42 -12.94
CA SER A 186 -37.25 -5.92 -11.78
C SER A 186 -37.95 -4.80 -11.04
N GLY A 187 -38.99 -4.20 -11.61
CA GLY A 187 -39.69 -3.12 -10.95
C GLY A 187 -40.67 -3.61 -9.91
N PRO A 188 -41.61 -4.45 -10.32
CA PRO A 188 -42.50 -5.09 -9.33
C PRO A 188 -41.75 -5.89 -8.29
N PHE A 189 -40.59 -6.43 -8.65
CA PHE A 189 -39.78 -7.19 -7.72
C PHE A 189 -39.35 -6.25 -6.60
N GLY A 190 -38.80 -5.10 -6.97
CA GLY A 190 -38.37 -4.11 -6.01
C GLY A 190 -39.52 -3.54 -5.19
N ILE A 191 -40.67 -3.34 -5.82
CA ILE A 191 -41.84 -2.87 -5.08
C ILE A 191 -42.31 -3.91 -4.07
N TYR A 192 -42.23 -5.19 -4.43
CA TYR A 192 -42.55 -6.26 -3.49
C TYR A 192 -41.55 -6.32 -2.35
N CYS A 193 -40.26 -6.11 -2.63
CA CYS A 193 -39.27 -6.05 -1.56
C CYS A 193 -39.52 -4.88 -0.61
N MET A 194 -39.90 -3.73 -1.15
CA MET A 194 -40.20 -2.55 -0.33
C MET A 194 -41.57 -2.62 0.32
N TYR A 195 -42.44 -3.52 -0.12
CA TYR A 195 -43.74 -3.73 0.51
C TYR A 195 -43.64 -4.53 1.80
N HIS A 196 -42.73 -5.50 1.87
CA HIS A 196 -42.56 -6.34 3.04
C HIS A 196 -41.56 -5.78 4.04
N SER A 197 -41.37 -4.47 4.05
CA SER A 197 -40.51 -3.82 5.02
C SER A 197 -41.22 -2.57 5.53
N ASP A 198 -40.55 -1.80 6.37
CA ASP A 198 -41.09 -0.57 6.92
C ASP A 198 -40.83 0.63 6.03
N LEU A 199 -40.21 0.38 4.88
CA LEU A 199 -39.87 1.43 3.95
C LEU A 199 -41.09 1.73 3.12
N TRP A 200 -42.20 1.12 3.44
CA TRP A 200 -43.36 1.22 2.68
C TRP A 200 -43.88 2.49 2.60
N PHE A 201 -43.82 2.92 1.37
CA PHE A 201 -44.11 4.05 0.62
C PHE A 201 -43.30 5.01 1.01
N PHE A 202 -42.21 5.04 0.30
CA PHE A 202 -41.08 5.78 0.39
C PHE A 202 -40.98 6.47 1.63
N ASN A 203 -41.00 5.78 2.73
CA ASN A 203 -40.81 6.35 4.04
C ASN A 203 -39.31 6.51 4.13
N THR A 204 -38.88 7.69 4.55
CA THR A 204 -37.46 8.00 4.62
C THR A 204 -36.89 7.85 6.02
N LYS A 205 -37.74 7.66 7.03
CA LYS A 205 -37.23 7.42 8.38
C LYS A 205 -36.80 5.98 8.60
N ALA A 206 -37.56 5.00 8.09
CA ALA A 206 -37.12 3.61 8.15
C ALA A 206 -35.89 3.38 7.31
N MET A 207 -35.55 4.33 6.47
CA MET A 207 -34.35 4.40 5.66
C MET A 207 -33.11 4.73 6.49
N TYR A 208 -33.30 5.17 7.74
CA TYR A 208 -32.19 5.53 8.62
C TYR A 208 -32.27 4.96 10.04
N ARG A 209 -33.45 4.51 10.51
CA ARG A 209 -33.56 4.15 11.93
C ARG A 209 -32.55 3.10 12.36
N THR A 210 -32.62 1.92 11.77
CA THR A 210 -31.68 0.83 12.12
C THR A 210 -30.57 0.85 11.09
N TYR A 211 -29.66 1.83 11.22
CA TYR A 211 -28.65 2.03 10.18
C TYR A 211 -27.72 0.85 9.94
N PRO A 212 -26.89 0.43 10.89
CA PRO A 212 -25.71 -0.37 10.50
C PRO A 212 -26.02 -1.58 9.63
N ASP A 213 -27.23 -2.15 9.70
CA ASP A 213 -27.76 -3.09 8.70
C ASP A 213 -26.74 -4.04 8.10
N PHE A 214 -26.06 -4.82 8.93
CA PHE A 214 -25.07 -5.75 8.38
C PHE A 214 -25.71 -6.89 7.60
N THR A 215 -26.98 -7.19 7.85
CA THR A 215 -27.67 -8.31 7.21
C THR A 215 -28.87 -7.81 6.43
N ASN A 216 -29.18 -8.52 5.35
CA ASN A 216 -30.30 -8.22 4.49
C ASN A 216 -31.13 -9.49 4.32
N PRO A 217 -32.44 -9.36 4.10
CA PRO A 217 -33.27 -10.54 3.85
C PRO A 217 -32.86 -11.26 2.57
N PHE A 218 -33.44 -12.44 2.38
CA PHE A 218 -33.11 -13.25 1.21
C PHE A 218 -33.47 -12.53 -0.08
N LEU A 219 -34.76 -12.21 -0.26
CA LEU A 219 -35.22 -11.57 -1.48
C LEU A 219 -34.58 -10.21 -1.68
N PHE A 220 -34.38 -9.47 -0.61
CA PHE A 220 -33.75 -8.15 -0.68
C PHE A 220 -32.31 -8.27 -1.18
N LYS A 221 -31.58 -9.25 -0.68
CA LYS A 221 -30.19 -9.45 -1.10
C LYS A 221 -30.10 -9.95 -2.53
N VAL A 222 -30.94 -10.91 -2.92
CA VAL A 222 -30.86 -11.43 -4.28
C VAL A 222 -31.28 -10.36 -5.28
N PHE A 223 -32.26 -9.53 -4.93
CA PHE A 223 -32.63 -8.41 -5.79
C PHE A 223 -31.48 -7.43 -5.93
N TYR A 224 -30.91 -7.02 -4.80
CA TYR A 224 -29.83 -6.04 -4.79
C TYR A 224 -28.63 -6.49 -5.64
N LEU A 225 -28.20 -7.71 -5.41
CA LEU A 225 -27.07 -8.29 -6.12
C LEU A 225 -27.38 -8.63 -7.57
N GLY A 226 -28.61 -8.99 -7.90
CA GLY A 226 -28.98 -9.14 -9.30
C GLY A 226 -28.95 -7.82 -10.04
N GLN A 227 -29.41 -6.74 -9.41
CA GLN A 227 -29.27 -5.42 -10.00
C GLN A 227 -27.81 -5.05 -10.19
N ALA A 228 -26.97 -5.34 -9.18
CA ALA A 228 -25.54 -5.09 -9.33
C ALA A 228 -24.93 -5.86 -10.48
N ALA A 229 -25.27 -7.15 -10.63
CA ALA A 229 -24.74 -7.95 -11.72
C ALA A 229 -25.21 -7.46 -13.08
N PHE A 230 -26.49 -7.10 -13.20
CA PHE A 230 -27.01 -6.57 -14.45
C PHE A 230 -26.29 -5.28 -14.85
N TRP A 231 -26.12 -4.37 -13.90
CA TRP A 231 -25.50 -3.09 -14.25
C TRP A 231 -24.01 -3.24 -14.49
N ALA A 232 -23.35 -4.17 -13.79
CA ALA A 232 -21.94 -4.45 -14.06
C ALA A 232 -21.76 -5.02 -15.46
N GLN A 233 -22.67 -5.91 -15.87
CA GLN A 233 -22.61 -6.43 -17.23
C GLN A 233 -22.85 -5.34 -18.26
N GLN A 234 -23.81 -4.44 -18.00
CA GLN A 234 -24.01 -3.30 -18.89
C GLN A 234 -22.74 -2.48 -19.02
N ALA A 235 -22.08 -2.20 -17.90
CA ALA A 235 -20.86 -1.41 -17.93
C ALA A 235 -19.74 -2.11 -18.71
N CYS A 236 -19.58 -3.42 -18.51
CA CYS A 236 -18.49 -4.10 -19.21
C CYS A 236 -18.78 -4.20 -20.70
N ILE A 237 -20.05 -4.33 -21.08
CA ILE A 237 -20.41 -4.20 -22.49
C ILE A 237 -20.09 -2.83 -23.04
N LEU A 238 -20.32 -1.79 -22.24
CA LEU A 238 -20.02 -0.43 -22.65
C LEU A 238 -18.52 -0.24 -22.84
N VAL A 239 -17.72 -0.94 -22.03
CA VAL A 239 -16.26 -0.84 -22.12
C VAL A 239 -15.76 -1.69 -23.28
N LEU A 240 -16.05 -2.98 -23.26
CA LEU A 240 -15.70 -3.89 -24.35
C LEU A 240 -16.67 -3.61 -25.49
N GLN A 241 -16.29 -2.67 -26.35
CA GLN A 241 -17.19 -2.18 -27.37
C GLN A 241 -17.41 -3.24 -28.44
N LEU A 242 -18.65 -3.29 -28.94
CA LEU A 242 -19.01 -4.19 -30.03
C LEU A 242 -19.92 -3.43 -31.00
N GLU A 243 -19.91 -2.10 -30.89
CA GLU A 243 -20.83 -1.25 -31.62
C GLU A 243 -20.15 0.11 -31.84
N LYS A 244 -20.72 0.87 -32.78
CA LYS A 244 -20.23 2.20 -33.08
C LYS A 244 -20.53 2.99 -31.82
N PRO A 245 -19.50 3.59 -31.22
CA PRO A 245 -19.77 4.26 -29.94
C PRO A 245 -20.47 5.61 -30.03
N ARG A 246 -20.05 6.38 -31.03
CA ARG A 246 -20.46 7.76 -31.32
C ARG A 246 -21.88 8.22 -31.04
N LYS A 247 -22.81 7.29 -30.85
CA LYS A 247 -24.17 7.66 -30.52
C LYS A 247 -23.98 9.00 -29.84
N ASP A 248 -24.86 9.95 -30.16
CA ASP A 248 -24.77 11.31 -29.61
C ASP A 248 -25.20 11.52 -28.15
N HIS A 249 -24.94 10.54 -27.28
CA HIS A 249 -25.27 10.70 -25.87
C HIS A 249 -24.16 10.07 -25.04
N ASN A 250 -23.17 10.88 -24.71
CA ASN A 250 -22.00 10.40 -23.98
C ASN A 250 -22.15 10.44 -22.47
N GLU A 251 -22.95 11.36 -21.96
CA GLU A 251 -23.09 11.44 -20.51
C GLU A 251 -23.50 10.09 -19.94
N LEU A 252 -23.83 9.13 -20.80
CA LEU A 252 -24.24 7.81 -20.35
C LEU A 252 -23.10 7.08 -19.68
N THR A 253 -21.87 7.31 -20.13
CA THR A 253 -20.72 6.69 -19.48
C THR A 253 -20.55 7.21 -18.06
N PHE A 254 -20.69 8.52 -17.86
CA PHE A 254 -20.64 9.09 -16.52
C PHE A 254 -21.78 8.56 -15.66
N HIS A 255 -22.97 8.43 -16.25
CA HIS A 255 -24.11 7.89 -15.52
C HIS A 255 -23.86 6.46 -15.09
N HIS A 256 -23.27 5.64 -15.98
CA HIS A 256 -22.97 4.26 -15.63
C HIS A 256 -21.91 4.17 -14.54
N ILE A 257 -20.92 5.07 -14.58
CA ILE A 257 -19.92 5.11 -13.52
C ILE A 257 -20.58 5.43 -12.19
N VAL A 258 -21.45 6.44 -12.18
CA VAL A 258 -22.13 6.85 -10.95
C VAL A 258 -23.03 5.73 -10.44
N THR A 259 -23.71 5.04 -11.34
CA THR A 259 -24.58 3.93 -10.96
C THR A 259 -23.83 2.80 -10.27
N LEU A 260 -22.74 2.34 -10.85
CA LEU A 260 -21.94 1.30 -10.21
C LEU A 260 -21.31 1.76 -8.91
N LEU A 261 -20.83 3.00 -8.84
CA LEU A 261 -20.32 3.52 -7.58
C LEU A 261 -21.41 3.52 -6.51
N LEU A 262 -22.62 3.96 -6.87
CA LEU A 262 -23.72 3.99 -5.93
C LEU A 262 -24.06 2.59 -5.43
N ILE A 263 -24.23 1.64 -6.35
CA ILE A 263 -24.58 0.28 -5.96
C ILE A 263 -23.51 -0.30 -5.04
N TRP A 264 -22.25 -0.21 -5.45
CA TRP A 264 -21.19 -0.85 -4.70
C TRP A 264 -20.99 -0.21 -3.33
N SER A 265 -20.92 1.12 -3.26
CA SER A 265 -20.78 1.80 -1.98
C SER A 265 -21.99 1.66 -1.07
N SER A 266 -23.16 1.50 -1.69
CA SER A 266 -24.40 1.32 -0.94
C SER A 266 -24.37 -0.03 -0.25
N TYR A 267 -23.91 -1.06 -0.97
CA TYR A 267 -23.82 -2.39 -0.38
C TYR A 267 -22.70 -2.49 0.65
N VAL A 268 -21.52 -1.99 0.30
CA VAL A 268 -20.33 -2.14 1.13
C VAL A 268 -20.47 -1.41 2.46
N PHE A 269 -21.06 -0.21 2.46
CA PHE A 269 -21.14 0.64 3.63
C PHE A 269 -22.49 0.53 4.32
N HIS A 270 -23.25 -0.50 4.01
CA HIS A 270 -24.48 -0.86 4.72
C HIS A 270 -25.59 0.16 4.53
N PHE A 271 -25.71 0.71 3.32
CA PHE A 271 -26.74 1.70 3.00
C PHE A 271 -27.77 1.12 2.03
N THR A 272 -28.12 -0.16 2.20
CA THR A 272 -28.96 -0.83 1.20
C THR A 272 -30.42 -0.43 1.30
N LYS A 273 -30.96 -0.30 2.51
CA LYS A 273 -32.30 0.23 2.69
C LYS A 273 -32.42 1.63 2.11
N MET A 274 -31.34 2.38 2.08
CA MET A 274 -31.35 3.71 1.48
C MET A 274 -31.33 3.61 -0.04
N GLY A 275 -30.72 2.55 -0.58
CA GLY A 275 -30.61 2.40 -2.02
C GLY A 275 -31.82 1.78 -2.68
N LEU A 276 -32.62 1.00 -1.95
CA LEU A 276 -33.78 0.37 -2.56
C LEU A 276 -34.78 1.34 -3.18
N PRO A 277 -35.17 2.45 -2.54
CA PRO A 277 -36.09 3.38 -3.22
C PRO A 277 -35.57 3.90 -4.56
N ILE A 278 -34.26 4.10 -4.69
CA ILE A 278 -33.73 4.59 -5.97
C ILE A 278 -33.86 3.52 -7.04
N TYR A 279 -33.56 2.26 -6.73
CA TYR A 279 -33.90 1.18 -7.67
C TYR A 279 -35.36 1.24 -8.09
N ILE A 280 -36.27 1.40 -7.14
CA ILE A 280 -37.68 1.39 -7.55
C ILE A 280 -38.00 2.56 -8.47
N THR A 281 -37.57 3.77 -8.10
CA THR A 281 -37.91 4.97 -8.86
C THR A 281 -37.28 4.99 -10.24
N MET A 282 -36.01 4.59 -10.36
CA MET A 282 -35.39 4.49 -11.68
C MET A 282 -36.01 3.39 -12.52
N ASP A 283 -36.34 2.25 -11.92
CA ASP A 283 -36.92 1.15 -12.69
C ASP A 283 -38.28 1.52 -13.28
N VAL A 284 -39.20 2.06 -12.47
CA VAL A 284 -40.52 2.34 -13.03
C VAL A 284 -40.45 3.37 -14.15
N SER A 285 -39.59 4.39 -13.98
CA SER A 285 -39.40 5.38 -15.03
C SER A 285 -38.82 4.74 -16.28
N ASP A 286 -37.85 3.84 -16.13
CA ASP A 286 -37.30 3.14 -17.29
C ASP A 286 -38.37 2.33 -18.01
N PHE A 287 -39.23 1.64 -17.25
CA PHE A 287 -40.30 0.87 -17.87
C PHE A 287 -41.20 1.76 -18.71
N LEU A 288 -41.67 2.86 -18.12
CA LEU A 288 -42.59 3.72 -18.86
C LEU A 288 -41.92 4.38 -20.06
N LEU A 289 -40.66 4.81 -19.90
CA LEU A 289 -39.95 5.43 -21.01
C LEU A 289 -39.73 4.44 -22.15
N SER A 290 -39.32 3.22 -21.84
CA SER A 290 -39.12 2.22 -22.88
C SER A 290 -40.42 1.86 -23.57
N PHE A 291 -41.52 1.76 -22.80
CA PHE A 291 -42.81 1.49 -23.43
C PHE A 291 -43.22 2.61 -24.38
N SER A 292 -43.02 3.87 -23.97
CA SER A 292 -43.35 4.99 -24.84
C SER A 292 -42.48 5.01 -26.09
N LYS A 293 -41.18 4.73 -25.97
CA LYS A 293 -40.31 4.73 -27.14
C LYS A 293 -40.66 3.57 -28.08
N THR A 294 -41.05 2.42 -27.54
CA THR A 294 -41.51 1.33 -28.39
C THR A 294 -42.78 1.73 -29.14
N LEU A 295 -43.76 2.32 -28.45
CA LEU A 295 -44.96 2.78 -29.12
C LEU A 295 -44.64 3.82 -30.18
N ASN A 296 -43.60 4.63 -29.95
CA ASN A 296 -43.12 5.54 -30.98
C ASN A 296 -42.60 4.79 -32.20
N TYR A 297 -41.71 3.83 -31.96
CA TYR A 297 -41.11 3.04 -33.03
C TYR A 297 -42.13 2.35 -33.92
N LEU A 298 -43.17 1.79 -33.31
CA LEU A 298 -44.21 1.09 -34.07
C LEU A 298 -45.12 2.04 -34.83
N ASP A 299 -44.94 3.35 -34.64
CA ASP A 299 -45.80 4.32 -35.29
C ASP A 299 -47.22 3.89 -34.98
N SER A 300 -47.65 4.13 -33.74
CA SER A 300 -48.98 3.71 -33.31
C SER A 300 -50.02 4.83 -33.19
N GLY A 301 -49.59 6.03 -32.83
CA GLY A 301 -50.54 7.11 -32.67
C GLY A 301 -51.06 7.18 -31.26
N LEU A 302 -50.91 6.08 -30.53
CA LEU A 302 -51.21 6.01 -29.10
C LEU A 302 -49.98 6.36 -28.27
N ALA A 303 -48.88 6.67 -28.95
CA ALA A 303 -47.61 6.95 -28.31
C ALA A 303 -47.60 8.24 -27.50
N PHE A 304 -48.40 9.23 -27.87
CA PHE A 304 -48.42 10.49 -27.15
C PHE A 304 -49.05 10.39 -25.76
N PHE A 305 -50.06 9.54 -25.62
CA PHE A 305 -50.70 9.32 -24.34
C PHE A 305 -49.66 8.67 -23.42
N SER A 306 -48.97 7.66 -23.95
CA SER A 306 -47.91 6.99 -23.20
C SER A 306 -46.81 7.94 -22.83
N PHE A 307 -46.46 8.87 -23.72
CA PHE A 307 -45.43 9.86 -23.41
C PHE A 307 -45.87 10.80 -22.30
N ALA A 308 -47.14 11.20 -22.30
CA ALA A 308 -47.64 12.05 -21.22
C ALA A 308 -47.62 11.31 -19.89
N ILE A 309 -48.07 10.05 -19.89
CA ILE A 309 -48.00 9.25 -18.67
C ILE A 309 -46.56 9.13 -18.20
N PHE A 310 -45.65 8.89 -19.14
CA PHE A 310 -44.24 8.77 -18.78
C PHE A 310 -43.69 10.06 -18.22
N VAL A 311 -44.05 11.22 -18.77
CA VAL A 311 -43.45 12.46 -18.28
C VAL A 311 -43.99 12.78 -16.90
N VAL A 312 -45.29 12.54 -16.66
CA VAL A 312 -45.82 12.75 -15.31
C VAL A 312 -45.14 11.82 -14.31
N ALA A 313 -45.02 10.53 -14.65
CA ALA A 313 -44.41 9.58 -13.74
C ALA A 313 -42.93 9.86 -13.55
N TRP A 314 -42.25 10.31 -14.61
CA TRP A 314 -40.85 10.69 -14.50
C TRP A 314 -40.70 11.84 -13.51
N ILE A 315 -41.45 12.92 -13.74
CA ILE A 315 -41.38 14.07 -12.83
C ILE A 315 -41.58 13.61 -11.39
N TYR A 316 -42.71 12.97 -11.11
CA TYR A 316 -42.97 12.53 -9.74
C TYR A 316 -41.86 11.60 -9.24
N LEU A 317 -41.78 10.40 -9.82
CA LEU A 317 -40.97 9.32 -9.26
C LEU A 317 -39.50 9.67 -9.21
N ARG A 318 -38.97 10.33 -10.24
CA ARG A 318 -37.57 10.73 -10.14
C ARG A 318 -37.41 12.01 -9.35
N HIS A 319 -37.94 13.13 -9.84
CA HIS A 319 -37.54 14.39 -9.23
C HIS A 319 -38.17 14.59 -7.85
N TYR A 320 -39.48 14.38 -7.69
CA TYR A 320 -40.07 14.62 -6.38
C TYR A 320 -39.50 13.68 -5.34
N ILE A 321 -39.44 12.39 -5.67
CA ILE A 321 -38.97 11.40 -4.70
C ILE A 321 -37.48 11.56 -4.40
N ASN A 322 -36.67 11.89 -5.41
CA ASN A 322 -35.24 12.01 -5.18
C ASN A 322 -34.84 13.33 -4.54
N LEU A 323 -35.53 14.45 -4.81
CA LEU A 323 -35.39 15.60 -3.92
C LEU A 323 -35.87 15.31 -2.52
N LYS A 324 -36.92 14.51 -2.33
CA LYS A 324 -37.31 14.13 -0.99
C LYS A 324 -36.21 13.34 -0.30
N ILE A 325 -35.53 12.46 -1.04
CA ILE A 325 -34.44 11.66 -0.47
C ILE A 325 -33.21 12.53 -0.19
N LEU A 326 -32.90 13.46 -1.09
CA LEU A 326 -31.78 14.37 -0.84
C LEU A 326 -32.04 15.29 0.34
N TRP A 327 -33.26 15.79 0.50
CA TRP A 327 -33.61 16.55 1.68
C TRP A 327 -33.59 15.67 2.93
N SER A 328 -33.98 14.40 2.78
CA SER A 328 -33.92 13.46 3.88
C SER A 328 -32.50 13.25 4.34
N VAL A 329 -31.55 13.21 3.40
CA VAL A 329 -30.14 13.14 3.79
C VAL A 329 -29.82 14.29 4.75
N LEU A 330 -29.93 15.52 4.24
CA LEU A 330 -29.57 16.72 4.99
C LEU A 330 -30.29 16.81 6.34
N THR A 331 -31.53 16.33 6.41
CA THR A 331 -32.30 16.53 7.64
C THR A 331 -32.19 15.33 8.57
N GLN A 332 -32.62 14.15 8.12
CA GLN A 332 -32.72 12.98 8.98
C GLN A 332 -31.53 12.04 8.90
N PHE A 333 -30.46 12.37 8.18
CA PHE A 333 -29.22 11.63 8.28
C PHE A 333 -28.62 11.82 9.66
N ARG A 334 -28.78 13.01 10.21
CA ARG A 334 -28.29 13.53 11.47
C ARG A 334 -29.29 13.38 12.59
N THR A 335 -30.48 12.86 12.37
CA THR A 335 -31.54 12.93 13.38
C THR A 335 -32.12 11.55 13.66
N GLU A 336 -32.08 10.66 12.67
CA GLU A 336 -32.60 9.30 12.82
C GLU A 336 -31.45 8.33 13.04
N GLY A 337 -31.62 7.45 14.03
CA GLY A 337 -30.61 6.46 14.30
C GLY A 337 -29.35 7.04 14.93
N ASN A 338 -28.23 6.37 14.67
CA ASN A 338 -26.94 6.72 15.24
C ASN A 338 -26.24 7.72 14.33
N TYR A 339 -25.67 8.77 14.91
CA TYR A 339 -24.94 9.79 14.16
C TYR A 339 -23.59 10.08 14.80
N VAL A 340 -23.09 9.18 15.63
CA VAL A 340 -21.76 9.29 16.23
C VAL A 340 -20.89 8.23 15.57
N LEU A 341 -19.81 8.67 14.93
CA LEU A 341 -18.95 7.77 14.18
C LEU A 341 -18.32 6.73 15.11
N ASN A 342 -18.34 5.48 14.67
CA ASN A 342 -17.74 4.37 15.41
C ASN A 342 -17.11 3.42 14.42
N PHE A 343 -15.78 3.44 14.33
CA PHE A 343 -15.09 2.52 13.44
C PHE A 343 -15.09 1.09 13.95
N ALA A 344 -15.26 0.89 15.26
CA ALA A 344 -15.30 -0.45 15.82
C ALA A 344 -16.62 -1.15 15.54
N THR A 345 -17.73 -0.41 15.57
CA THR A 345 -19.06 -0.96 15.36
C THR A 345 -19.52 -0.80 13.92
N GLN A 346 -18.66 -0.26 13.06
CA GLN A 346 -18.94 -0.05 11.65
C GLN A 346 -20.13 0.89 11.46
N GLN A 347 -20.19 1.92 12.29
CA GLN A 347 -21.20 2.97 12.20
C GLN A 347 -20.58 4.10 11.38
N TYR A 348 -20.90 4.12 10.09
CA TYR A 348 -20.35 5.11 9.18
C TYR A 348 -21.27 6.29 8.93
N LYS A 349 -22.48 6.26 9.49
CA LYS A 349 -23.37 7.40 9.34
C LYS A 349 -22.93 8.53 10.26
N CYS A 350 -22.30 9.54 9.69
CA CYS A 350 -21.72 10.62 10.48
C CYS A 350 -21.54 11.86 9.61
N TRP A 351 -20.91 12.90 10.16
CA TRP A 351 -20.73 14.14 9.42
C TRP A 351 -19.78 13.97 8.24
N ILE A 352 -18.93 12.93 8.28
CA ILE A 352 -17.98 12.70 7.18
C ILE A 352 -18.65 12.13 5.94
N SER A 353 -19.56 11.16 6.10
CA SER A 353 -20.17 10.47 4.97
C SER A 353 -21.39 11.20 4.44
N LEU A 354 -21.89 12.21 5.14
CA LEU A 354 -23.02 12.99 4.65
C LEU A 354 -22.67 13.71 3.36
N PRO A 355 -21.54 14.41 3.26
CA PRO A 355 -21.18 14.99 1.95
C PRO A 355 -21.01 13.96 0.85
N ILE A 356 -20.46 12.79 1.16
CA ILE A 356 -20.26 11.77 0.12
C ILE A 356 -21.60 11.29 -0.41
N VAL A 357 -22.53 10.98 0.51
CA VAL A 357 -23.85 10.51 0.10
C VAL A 357 -24.56 11.59 -0.72
N PHE A 358 -24.54 12.83 -0.22
CA PHE A 358 -25.22 13.91 -0.91
C PHE A 358 -24.61 14.16 -2.28
N VAL A 359 -23.29 14.11 -2.40
CA VAL A 359 -22.64 14.36 -3.69
C VAL A 359 -23.01 13.27 -4.69
N LEU A 360 -22.98 12.00 -4.27
CA LEU A 360 -23.33 10.94 -5.21
C LEU A 360 -24.78 11.05 -5.67
N ILE A 361 -25.72 11.23 -4.74
CA ILE A 361 -27.12 11.32 -5.16
C ILE A 361 -27.38 12.60 -5.94
N GLY A 362 -26.67 13.69 -5.62
CA GLY A 362 -26.83 14.92 -6.38
C GLY A 362 -26.29 14.80 -7.78
N ALA A 363 -25.21 14.05 -7.96
CA ALA A 363 -24.70 13.79 -9.31
C ALA A 363 -25.72 13.02 -10.12
N LEU A 364 -26.29 11.97 -9.50
CA LEU A 364 -27.35 11.22 -10.16
C LEU A 364 -28.53 12.12 -10.53
N GLN A 365 -28.90 13.04 -9.64
CA GLN A 365 -30.05 13.90 -9.91
C GLN A 365 -29.75 14.97 -10.94
N LEU A 366 -28.51 15.46 -11.03
CA LEU A 366 -28.14 16.37 -12.10
C LEU A 366 -28.21 15.67 -13.45
N VAL A 367 -27.72 14.43 -13.51
CA VAL A 367 -27.83 13.67 -14.75
C VAL A 367 -29.30 13.47 -15.13
N ASN A 368 -30.16 13.26 -14.13
CA ASN A 368 -31.58 13.10 -14.42
C ASN A 368 -32.21 14.41 -14.85
N LEU A 369 -31.74 15.54 -14.29
CA LEU A 369 -32.29 16.83 -14.66
C LEU A 369 -31.95 17.20 -16.10
N TYR A 370 -30.80 16.73 -16.56
CA TYR A 370 -30.39 16.95 -17.94
C TYR A 370 -31.42 16.28 -18.84
N TRP A 371 -31.71 15.01 -18.56
CA TRP A 371 -32.70 14.26 -19.32
C TRP A 371 -34.09 14.86 -19.21
N LEU A 372 -34.43 15.46 -18.07
CA LEU A 372 -35.69 16.21 -17.98
C LEU A 372 -35.70 17.39 -18.92
N PHE A 373 -34.57 18.08 -19.05
CA PHE A 373 -34.47 19.17 -20.03
C PHE A 373 -34.70 18.64 -21.44
N LEU A 374 -34.10 17.49 -21.76
CA LEU A 374 -34.31 16.91 -23.10
C LEU A 374 -35.78 16.55 -23.31
N ILE A 375 -36.43 15.98 -22.30
CA ILE A 375 -37.84 15.61 -22.41
C ILE A 375 -38.69 16.85 -22.62
N PHE A 376 -38.41 17.93 -21.89
CA PHE A 376 -39.15 19.17 -22.08
C PHE A 376 -38.91 19.75 -23.46
N ARG A 377 -37.69 19.56 -23.99
CA ARG A 377 -37.36 20.05 -25.31
C ARG A 377 -38.22 19.33 -26.36
N VAL A 378 -38.34 18.01 -26.21
CA VAL A 378 -39.15 17.21 -27.12
C VAL A 378 -40.62 17.56 -26.99
N LEU A 379 -41.10 17.78 -25.76
CA LEU A 379 -42.47 18.26 -25.58
C LEU A 379 -42.67 19.60 -26.28
N TYR A 380 -41.68 20.48 -26.20
CA TYR A 380 -41.75 21.77 -26.89
C TYR A 380 -41.96 21.57 -28.38
N ARG A 381 -41.09 20.78 -28.99
CA ARG A 381 -41.17 20.48 -30.42
C ARG A 381 -42.54 19.91 -30.77
N ILE A 382 -43.06 19.02 -29.94
CA ILE A 382 -44.35 18.40 -30.17
C ILE A 382 -45.52 19.38 -30.02
N LEU A 383 -45.33 20.43 -29.23
CA LEU A 383 -46.37 21.41 -29.01
C LEU A 383 -46.23 22.67 -29.89
N TRP A 384 -45.19 22.77 -30.72
CA TRP A 384 -45.25 23.76 -31.79
C TRP A 384 -44.99 23.16 -33.17
N ARG A 385 -44.96 21.83 -33.26
CA ARG A 385 -44.71 21.16 -34.53
C ARG A 385 -45.41 19.81 -34.58
N PRO B 18 -13.66 -4.62 -30.18
CA PRO B 18 -13.55 -5.60 -29.09
C PRO B 18 -12.35 -5.31 -28.21
N LYS B 19 -12.39 -4.19 -27.49
CA LYS B 19 -11.26 -3.76 -26.67
C LYS B 19 -11.16 -4.61 -25.42
N ILE B 20 -10.65 -5.82 -25.54
CA ILE B 20 -10.57 -6.77 -24.43
C ILE B 20 -9.64 -6.24 -23.36
N PHE B 21 -8.55 -5.60 -23.75
CA PHE B 21 -7.61 -5.05 -22.79
C PHE B 21 -8.19 -3.91 -21.97
N ASN B 22 -9.02 -3.05 -22.57
CA ASN B 22 -9.68 -2.03 -21.79
C ASN B 22 -10.61 -2.64 -20.75
N LEU B 23 -11.34 -3.68 -21.11
CA LEU B 23 -12.18 -4.38 -20.13
C LEU B 23 -11.34 -4.97 -19.02
N PHE B 24 -10.21 -5.61 -19.38
CA PHE B 24 -9.35 -6.17 -18.35
C PHE B 24 -8.82 -5.10 -17.41
N ARG B 25 -8.38 -3.97 -17.96
CA ARG B 25 -7.83 -2.90 -17.13
C ARG B 25 -8.90 -2.30 -16.21
N VAL B 26 -10.10 -2.08 -16.75
CA VAL B 26 -11.15 -1.48 -15.92
C VAL B 26 -11.61 -2.45 -14.84
N CYS B 27 -11.72 -3.74 -15.16
CA CYS B 27 -12.03 -4.74 -14.14
C CYS B 27 -10.94 -4.86 -13.08
N PHE B 28 -9.68 -4.76 -13.52
CA PHE B 28 -8.55 -4.82 -12.61
C PHE B 28 -8.57 -3.66 -11.63
N ILE B 29 -8.78 -2.45 -12.15
CA ILE B 29 -8.85 -1.25 -11.34
C ILE B 29 -10.04 -1.34 -10.38
N SER B 30 -11.18 -1.77 -10.88
CA SER B 30 -12.37 -1.89 -10.03
C SER B 30 -12.14 -2.88 -8.89
N LEU B 31 -11.49 -4.01 -9.16
CA LEU B 31 -11.18 -4.95 -8.09
C LEU B 31 -10.18 -4.38 -7.08
N LEU B 32 -9.19 -3.62 -7.53
CA LEU B 32 -8.32 -2.93 -6.57
C LEU B 32 -9.08 -1.89 -5.76
N LEU B 33 -10.05 -1.20 -6.38
CA LEU B 33 -10.89 -0.28 -5.60
C LEU B 33 -11.68 -1.03 -4.54
N ILE B 34 -12.27 -2.16 -4.92
CA ILE B 34 -13.07 -2.95 -3.98
C ILE B 34 -12.20 -3.45 -2.83
N ALA B 35 -11.03 -4.01 -3.15
CA ALA B 35 -10.10 -4.50 -2.13
C ALA B 35 -9.57 -3.38 -1.24
N ALA B 36 -9.27 -2.21 -1.80
CA ALA B 36 -8.80 -1.09 -1.00
C ALA B 36 -9.88 -0.65 -0.02
N VAL B 37 -11.14 -0.59 -0.46
CA VAL B 37 -12.20 -0.17 0.44
C VAL B 37 -12.45 -1.22 1.52
N GLU B 38 -12.41 -2.52 1.16
CA GLU B 38 -12.56 -3.55 2.18
C GLU B 38 -11.43 -3.54 3.19
N TYR B 39 -10.20 -3.30 2.73
CA TYR B 39 -9.10 -3.18 3.66
C TYR B 39 -9.25 -1.93 4.52
N PHE B 40 -9.78 -0.84 3.96
CA PHE B 40 -10.05 0.34 4.77
C PHE B 40 -11.01 0.01 5.89
N LYS B 41 -12.10 -0.67 5.57
CA LYS B 41 -13.08 -1.06 6.59
C LYS B 41 -12.43 -1.94 7.65
N TYR B 42 -11.72 -2.99 7.23
CA TYR B 42 -11.13 -3.94 8.18
C TYR B 42 -10.09 -3.25 9.06
N GLY B 43 -9.22 -2.45 8.45
CA GLY B 43 -8.16 -1.80 9.21
C GLY B 43 -8.66 -0.74 10.16
N THR B 44 -9.65 0.05 9.75
CA THR B 44 -10.23 1.01 10.68
C THR B 44 -11.07 0.33 11.76
N ARG B 45 -11.57 -0.88 11.52
CA ARG B 45 -12.27 -1.61 12.57
C ARG B 45 -11.33 -2.23 13.59
N ILE B 46 -10.20 -2.81 13.16
CA ILE B 46 -9.27 -3.41 14.10
C ILE B 46 -8.30 -2.40 14.71
N ASN B 47 -8.14 -1.22 14.10
CA ASN B 47 -7.24 -0.20 14.59
C ASN B 47 -8.06 1.08 14.84
N TYR B 48 -9.24 0.91 15.44
CA TYR B 48 -10.14 2.03 15.63
C TYR B 48 -9.69 2.99 16.70
N GLU B 49 -8.89 2.54 17.68
CA GLU B 49 -8.45 3.41 18.75
C GLU B 49 -7.50 4.50 18.27
N TRP B 50 -6.88 4.31 17.10
CA TRP B 50 -6.05 5.35 16.52
C TRP B 50 -6.86 6.59 16.16
N PHE B 51 -8.07 6.38 15.62
CA PHE B 51 -8.95 7.47 15.24
C PHE B 51 -9.72 8.06 16.41
N HIS B 52 -10.15 7.24 17.36
CA HIS B 52 -11.06 7.68 18.41
C HIS B 52 -10.38 8.03 19.72
N CYS B 53 -9.18 7.53 19.98
CA CYS B 53 -8.50 7.78 21.25
C CYS B 53 -7.17 8.49 21.00
N THR B 54 -6.94 9.56 21.75
CA THR B 54 -5.69 10.30 21.69
C THR B 54 -4.93 10.12 23.00
N PRO B 55 -3.67 9.68 22.96
CA PRO B 55 -2.92 9.50 24.21
C PRO B 55 -2.63 10.83 24.87
N ILE B 56 -2.67 10.83 26.20
CA ILE B 56 -2.40 12.03 27.01
C ILE B 56 -1.31 11.66 27.99
N LYS B 57 -0.09 12.13 27.74
CA LYS B 57 1.02 11.84 28.61
C LYS B 57 1.16 12.92 29.68
N GLU B 58 1.76 12.55 30.79
CA GLU B 58 1.94 13.47 31.90
C GLU B 58 3.20 13.11 32.69
N PRO B 59 4.36 13.67 32.34
CA PRO B 59 5.59 13.35 33.07
C PRO B 59 5.47 13.60 34.56
N GLN B 60 5.92 12.64 35.38
CA GLN B 60 5.85 12.77 36.82
C GLN B 60 7.16 13.17 37.48
N SER B 61 8.22 12.37 37.29
CA SER B 61 9.54 12.71 37.81
C SER B 61 10.57 11.78 37.19
N GLY B 62 11.63 12.34 36.61
CA GLY B 62 12.61 11.52 35.94
C GLY B 62 12.05 10.86 34.70
N SER B 63 12.18 9.53 34.62
CA SER B 63 11.81 8.81 33.41
C SER B 63 10.35 8.38 33.37
N VAL B 64 9.61 8.52 34.47
CA VAL B 64 8.27 7.98 34.55
C VAL B 64 7.27 9.00 33.99
N ILE B 65 6.20 8.49 33.39
CA ILE B 65 5.10 9.30 32.88
C ILE B 65 3.79 8.63 33.26
N LYS B 66 2.70 9.34 33.03
CA LYS B 66 1.35 8.85 33.27
C LYS B 66 0.59 8.82 31.95
N LEU B 67 -0.04 7.69 31.66
CA LEU B 67 -0.75 7.48 30.41
C LEU B 67 -2.25 7.40 30.63
N TRP B 68 -2.99 8.00 29.72
CA TRP B 68 -4.41 7.69 29.53
C TRP B 68 -4.81 8.20 28.16
N ALA B 69 -6.00 7.82 27.70
CA ALA B 69 -6.52 8.22 26.41
C ALA B 69 -7.86 8.89 26.61
N ARG B 70 -8.16 9.85 25.74
CA ARG B 70 -9.42 10.59 25.81
C ARG B 70 -9.99 10.86 24.43
N GLY B 71 -11.27 10.54 24.26
CA GLY B 71 -11.97 10.73 23.02
C GLY B 71 -13.45 10.92 23.27
N GLY B 72 -14.24 10.56 22.26
CA GLY B 72 -15.67 10.62 22.39
C GLY B 72 -16.23 9.30 22.86
N PRO B 73 -17.52 9.07 22.61
CA PRO B 73 -18.13 7.81 23.05
C PRO B 73 -17.52 6.58 22.40
N SER B 74 -16.85 6.74 21.26
CA SER B 74 -16.24 5.62 20.58
C SER B 74 -14.91 5.20 21.20
N CYS B 75 -14.35 6.03 22.08
CA CYS B 75 -13.18 5.65 22.87
C CYS B 75 -13.64 4.96 24.15
N ASP B 76 -13.87 3.65 24.02
CA ASP B 76 -14.36 2.85 25.13
C ASP B 76 -13.17 2.42 25.99
N LYS B 77 -13.42 1.55 26.96
CA LYS B 77 -12.33 1.04 27.80
C LYS B 77 -11.36 0.20 26.98
N ARG B 78 -11.87 -0.54 26.00
CA ARG B 78 -10.98 -1.31 25.13
C ARG B 78 -10.03 -0.40 24.37
N GLY B 79 -10.53 0.70 23.84
CA GLY B 79 -9.70 1.65 23.14
C GLY B 79 -8.66 2.30 24.02
N GLU B 80 -9.05 2.65 25.24
CA GLU B 80 -8.09 3.21 26.18
C GLU B 80 -7.00 2.23 26.53
N TYR B 81 -7.37 0.98 26.79
CA TYR B 81 -6.37 -0.04 27.10
C TYR B 81 -5.41 -0.25 25.92
N LYS B 82 -5.96 -0.34 24.71
CA LYS B 82 -5.11 -0.53 23.54
C LYS B 82 -4.17 0.65 23.32
N THR B 83 -4.68 1.88 23.45
CA THR B 83 -3.85 3.06 23.30
C THR B 83 -2.74 3.08 24.34
N ILE B 84 -3.07 2.77 25.58
CA ILE B 84 -2.09 2.82 26.65
C ILE B 84 -0.99 1.79 26.43
N VAL B 85 -1.38 0.55 26.11
CA VAL B 85 -0.36 -0.49 25.93
C VAL B 85 0.47 -0.23 24.68
N LYS B 86 -0.13 0.33 23.63
CA LYS B 86 0.65 0.74 22.47
C LYS B 86 1.66 1.81 22.79
N ARG B 87 1.28 2.82 23.57
CA ARG B 87 2.25 3.84 23.99
C ARG B 87 3.34 3.24 24.85
N ILE B 88 2.99 2.34 25.77
CA ILE B 88 3.98 1.72 26.65
C ILE B 88 4.99 0.92 25.83
N THR B 89 4.51 0.13 24.88
CA THR B 89 5.40 -0.74 24.12
C THR B 89 6.05 -0.05 22.94
N ARG B 90 5.68 1.19 22.61
CA ARG B 90 6.33 1.90 21.52
C ARG B 90 7.17 3.10 21.94
N ASP B 91 7.00 3.61 23.15
CA ASP B 91 7.82 4.71 23.62
C ASP B 91 8.96 4.29 24.53
N TYR B 92 9.00 3.02 24.93
CA TYR B 92 10.04 2.52 25.81
C TYR B 92 10.71 1.32 25.15
N GLU B 93 12.04 1.27 25.25
CA GLU B 93 12.81 0.21 24.61
C GLU B 93 13.35 -0.74 25.67
N PRO B 94 12.76 -1.94 25.83
CA PRO B 94 13.25 -2.87 26.85
C PRO B 94 14.59 -3.51 26.51
N ASN B 95 15.08 -3.35 25.28
CA ASN B 95 16.40 -3.83 24.93
C ASN B 95 17.50 -2.92 25.46
N ASP B 96 17.29 -1.61 25.37
CA ASP B 96 18.20 -0.65 25.98
C ASP B 96 18.20 -0.80 27.49
N GLU B 97 17.05 -0.54 28.11
CA GLU B 97 16.88 -0.71 29.54
C GLU B 97 15.50 -1.30 29.82
N HIS B 98 15.43 -2.15 30.84
CA HIS B 98 14.19 -2.81 31.19
C HIS B 98 13.25 -1.84 31.92
N LEU B 99 11.98 -1.88 31.56
CA LEU B 99 10.98 -0.97 32.08
C LEU B 99 10.04 -1.68 33.05
N SER B 100 9.10 -0.91 33.55
CA SER B 100 8.15 -1.34 34.58
C SER B 100 6.91 -0.47 34.49
N PHE B 101 5.74 -1.07 34.64
CA PHE B 101 4.49 -0.32 34.50
C PHE B 101 3.36 -1.01 35.23
N CYS B 102 2.27 -0.27 35.45
CA CYS B 102 1.03 -0.79 35.99
C CYS B 102 -0.13 -0.20 35.23
N ILE B 103 -1.24 -0.94 35.14
CA ILE B 103 -2.47 -0.47 34.53
C ILE B 103 -3.53 -0.37 35.62
N ILE B 104 -4.09 0.82 35.80
CA ILE B 104 -5.06 1.09 36.86
C ILE B 104 -6.41 1.38 36.21
N GLU B 105 -7.44 0.67 36.65
CA GLU B 105 -8.77 0.78 36.07
C GLU B 105 -9.69 1.61 36.97
N ASN B 106 -10.52 2.43 36.33
CA ASN B 106 -11.56 3.18 37.01
C ASN B 106 -12.83 2.33 37.01
N ASP B 107 -13.13 1.72 38.14
CA ASP B 107 -14.25 0.80 38.28
C ASP B 107 -15.55 1.52 38.64
N ASN B 108 -15.51 2.84 38.76
CA ASN B 108 -16.69 3.67 38.98
C ASN B 108 -17.20 4.23 37.66
N VAL B 109 -16.92 3.53 36.57
CA VAL B 109 -17.10 4.05 35.21
C VAL B 109 -17.56 2.93 34.29
N PRO B 110 -18.55 3.18 33.43
CA PRO B 110 -18.97 2.17 32.46
C PRO B 110 -17.93 2.01 31.35
N PRO B 111 -17.96 0.92 30.61
CA PRO B 111 -17.04 0.77 29.47
C PRO B 111 -17.15 1.89 28.45
N VAL B 112 -18.38 2.34 28.18
CA VAL B 112 -18.61 3.48 27.32
C VAL B 112 -19.01 4.66 28.19
N HIS B 113 -18.13 5.65 28.29
CA HIS B 113 -18.36 6.74 29.22
C HIS B 113 -17.98 8.12 28.70
N TYR B 114 -17.49 8.24 27.50
CA TYR B 114 -17.15 9.62 27.20
C TYR B 114 -18.27 10.32 26.46
N PRO B 115 -18.41 11.63 26.63
CA PRO B 115 -19.39 12.39 25.85
C PRO B 115 -18.78 12.98 24.58
N ILE B 116 -19.65 13.56 23.77
CA ILE B 116 -19.21 14.24 22.55
C ILE B 116 -18.39 15.48 22.87
N HIS B 117 -18.84 16.31 23.80
CA HIS B 117 -18.23 17.61 24.08
C HIS B 117 -16.98 17.45 24.92
N GLU B 118 -16.14 18.48 24.90
CA GLU B 118 -14.85 18.43 25.59
C GLU B 118 -14.98 18.76 27.08
N ASP B 119 -15.79 17.97 27.79
CA ASP B 119 -15.82 17.96 29.24
C ASP B 119 -16.15 16.55 29.68
N LYS B 120 -15.12 15.74 29.94
CA LYS B 120 -15.25 14.30 29.81
C LYS B 120 -15.03 13.53 31.11
N GLY B 121 -14.65 14.20 32.18
CA GLY B 121 -14.48 13.52 33.45
C GLY B 121 -13.17 12.76 33.53
N GLU B 122 -13.23 11.61 34.19
CA GLU B 122 -12.08 10.79 34.47
C GLU B 122 -11.96 9.62 33.49
N PRO B 123 -10.74 9.24 33.12
CA PRO B 123 -10.58 8.14 32.17
C PRO B 123 -10.93 6.79 32.78
N GLY B 124 -11.12 5.80 31.92
CA GLY B 124 -11.38 4.46 32.41
C GLY B 124 -10.12 3.71 32.78
N TYR B 125 -8.97 4.14 32.27
CA TYR B 125 -7.69 3.49 32.52
C TYR B 125 -6.60 4.54 32.59
N VAL B 126 -5.71 4.38 33.57
CA VAL B 126 -4.47 5.14 33.62
C VAL B 126 -3.32 4.16 33.82
N ALA B 127 -2.12 4.61 33.45
CA ALA B 127 -0.92 3.79 33.60
C ALA B 127 0.25 4.66 34.00
N TYR B 128 1.12 4.10 34.83
CA TYR B 128 2.38 4.72 35.20
C TYR B 128 3.49 3.86 34.64
N VAL B 129 4.37 4.46 33.84
CA VAL B 129 5.41 3.71 33.14
C VAL B 129 6.75 4.35 33.40
N GLY B 130 7.74 3.53 33.74
CA GLY B 130 9.08 4.05 33.90
C GLY B 130 10.14 3.01 33.59
N TYR B 131 11.41 3.39 33.72
CA TYR B 131 12.52 2.47 33.51
C TYR B 131 12.94 1.91 34.86
N ASP B 132 13.71 0.82 34.82
CA ASP B 132 14.11 0.18 36.06
C ASP B 132 15.16 0.98 36.80
N THR B 133 15.70 2.03 36.17
CA THR B 133 16.58 2.96 36.87
C THR B 133 15.86 3.72 37.97
N ASP B 134 14.56 3.98 37.81
CA ASP B 134 13.70 4.50 38.86
C ASP B 134 12.43 3.64 38.93
N SER B 135 12.56 2.50 39.60
CA SER B 135 11.45 1.57 39.78
C SER B 135 10.76 1.76 41.11
N GLU B 136 11.45 2.36 42.09
CA GLU B 136 10.81 2.74 43.35
C GLU B 136 9.72 3.78 43.15
N LEU B 137 9.91 4.72 42.22
CA LEU B 137 8.88 5.72 41.94
C LEU B 137 7.64 5.08 41.34
N VAL B 138 7.81 4.13 40.42
CA VAL B 138 6.65 3.42 39.89
C VAL B 138 6.00 2.57 40.96
N GLN B 139 6.81 1.92 41.81
CA GLN B 139 6.26 1.11 42.89
C GLN B 139 5.44 1.92 43.88
N GLU B 140 5.90 3.11 44.26
CA GLU B 140 5.16 3.96 45.17
C GLU B 140 4.12 4.82 44.48
N LEU B 141 4.10 4.82 43.15
CA LEU B 141 3.13 5.58 42.38
C LEU B 141 1.94 4.72 41.95
N CYS B 142 2.16 3.42 41.74
CA CYS B 142 1.09 2.45 41.68
C CYS B 142 0.87 1.92 43.09
N ALA B 143 -0.24 2.29 43.71
CA ALA B 143 -0.43 2.07 45.13
C ALA B 143 -0.34 0.59 45.51
N ASP B 144 -1.31 -0.21 45.06
CA ASP B 144 -1.28 -1.63 45.34
C ASP B 144 -1.68 -2.42 44.11
N SER B 145 -1.60 -1.80 42.94
CA SER B 145 -1.85 -2.48 41.69
C SER B 145 -0.63 -3.30 41.29
N THR B 146 -0.88 -4.42 40.60
CA THR B 146 0.21 -5.27 40.17
C THR B 146 1.09 -4.54 39.17
N ILE B 147 2.39 -4.79 39.25
CA ILE B 147 3.36 -4.12 38.40
C ILE B 147 3.94 -5.14 37.42
N TYR B 148 3.90 -4.79 36.15
CA TYR B 148 4.36 -5.69 35.10
C TYR B 148 5.74 -5.27 34.64
N HIS B 149 6.61 -6.26 34.45
CA HIS B 149 7.98 -6.05 34.02
C HIS B 149 8.09 -6.46 32.56
N MET B 150 8.96 -5.77 31.83
CA MET B 150 8.98 -5.91 30.39
C MET B 150 10.36 -5.59 29.82
N ILE C 71 18.93 38.59 -21.18
CA ILE C 71 20.13 37.80 -20.94
C ILE C 71 19.72 36.34 -21.18
N TRP C 72 18.52 36.16 -21.71
CA TRP C 72 18.00 34.83 -22.01
C TRP C 72 18.88 34.12 -23.02
N PHE C 73 19.20 34.80 -24.13
CA PHE C 73 20.11 34.24 -25.11
C PHE C 73 21.52 34.03 -24.59
N SER C 74 22.04 34.96 -23.78
CA SER C 74 23.36 34.79 -23.19
C SER C 74 23.39 33.56 -22.28
N PHE C 75 22.38 33.40 -21.43
CA PHE C 75 22.30 32.23 -20.57
C PHE C 75 22.15 30.95 -21.38
N ARG C 76 21.36 30.98 -22.44
CA ARG C 76 21.23 29.79 -23.28
C ARG C 76 22.57 29.41 -23.90
N GLU C 77 23.30 30.39 -24.43
CA GLU C 77 24.61 30.12 -25.01
C GLU C 77 25.60 29.61 -23.97
N ILE C 78 25.61 30.20 -22.78
CA ILE C 78 26.54 29.75 -21.74
C ILE C 78 26.20 28.33 -21.30
N SER C 79 24.93 28.05 -21.06
CA SER C 79 24.50 26.72 -20.67
C SER C 79 24.69 25.69 -21.77
N TYR C 80 24.76 26.11 -23.03
CA TYR C 80 25.13 25.18 -24.12
C TYR C 80 26.62 24.91 -24.07
N ARG C 81 27.43 25.98 -24.10
CA ARG C 81 28.88 25.84 -24.03
C ARG C 81 29.32 25.24 -22.70
N HIS C 82 29.07 25.96 -21.62
CA HIS C 82 29.45 25.51 -20.28
C HIS C 82 28.25 24.93 -19.55
N ALA C 83 28.19 23.61 -19.44
CA ALA C 83 27.07 22.95 -18.77
C ALA C 83 27.13 23.04 -17.26
N TRP C 84 28.24 23.52 -16.70
CA TRP C 84 28.45 23.56 -15.26
C TRP C 84 28.01 24.88 -14.64
N ILE C 85 27.58 25.85 -15.44
CA ILE C 85 27.26 27.16 -14.90
C ILE C 85 26.01 27.12 -14.02
N ALA C 86 24.99 26.38 -14.42
CA ALA C 86 23.77 26.28 -13.63
C ALA C 86 24.02 25.57 -12.30
N PRO C 87 24.66 24.39 -12.27
CA PRO C 87 25.00 23.79 -10.98
C PRO C 87 25.93 24.64 -10.15
N LEU C 88 26.86 25.37 -10.78
CA LEU C 88 27.70 26.27 -10.01
C LEU C 88 26.89 27.37 -9.35
N MET C 89 25.90 27.91 -10.07
CA MET C 89 25.03 28.93 -9.48
C MET C 89 24.24 28.35 -8.31
N ILE C 90 23.71 27.14 -8.48
CA ILE C 90 22.97 26.52 -7.37
C ILE C 90 23.87 26.33 -6.15
N LEU C 91 25.07 25.80 -6.36
CA LEU C 91 25.97 25.53 -5.25
C LEU C 91 26.38 26.82 -4.56
N ILE C 92 26.71 27.83 -5.36
CA ILE C 92 27.13 29.13 -4.83
C ILE C 92 26.01 29.75 -4.01
N ALA C 93 24.79 29.70 -4.52
CA ALA C 93 23.65 30.25 -3.81
C ALA C 93 23.44 29.55 -2.48
N VAL C 94 23.44 28.22 -2.47
CA VAL C 94 23.19 27.48 -1.24
C VAL C 94 24.30 27.74 -0.22
N TYR C 95 25.56 27.68 -0.65
CA TYR C 95 26.66 27.92 0.27
C TYR C 95 26.68 29.34 0.79
N SER C 96 26.41 30.34 -0.05
CA SER C 96 26.37 31.72 0.43
C SER C 96 25.23 31.92 1.41
N ALA C 97 24.05 31.35 1.14
CA ALA C 97 22.93 31.48 2.07
C ALA C 97 23.24 30.80 3.40
N TYR C 98 23.95 29.67 3.36
CA TYR C 98 24.24 28.95 4.59
C TYR C 98 25.32 29.65 5.41
N PHE C 99 26.39 30.13 4.76
CA PHE C 99 27.53 30.68 5.46
C PHE C 99 27.36 32.15 5.82
N THR C 100 26.52 32.89 5.11
CA THR C 100 26.21 34.28 5.43
C THR C 100 24.95 34.25 6.29
N SER C 101 25.13 33.85 7.55
CA SER C 101 24.01 33.64 8.46
C SER C 101 24.56 33.57 9.87
N GLY C 102 23.71 33.11 10.79
CA GLY C 102 24.09 32.95 12.17
C GLY C 102 24.42 31.52 12.48
N ASN C 103 23.47 30.79 13.06
CA ASN C 103 23.68 29.38 13.39
C ASN C 103 24.06 28.57 12.16
N THR C 104 25.30 28.08 12.13
CA THR C 104 25.75 27.16 11.09
C THR C 104 25.62 25.71 11.52
N THR C 105 25.03 25.47 12.68
CA THR C 105 24.90 24.13 13.24
C THR C 105 23.63 23.47 12.68
N LYS C 106 23.24 22.35 13.27
CA LYS C 106 22.08 21.57 12.82
C LYS C 106 20.73 22.29 12.86
N THR C 107 20.69 23.47 13.49
CA THR C 107 19.45 24.22 13.60
C THR C 107 19.14 25.01 12.33
N ASN C 108 20.06 25.04 11.37
CA ASN C 108 19.81 25.67 10.09
C ASN C 108 19.13 24.69 9.14
N VAL C 109 18.28 25.22 8.26
CA VAL C 109 17.63 24.39 7.26
C VAL C 109 18.56 23.94 6.16
N LEU C 110 19.61 24.71 5.87
CA LEU C 110 20.55 24.34 4.81
C LEU C 110 21.60 23.35 5.31
N HIS C 111 21.65 23.11 6.61
CA HIS C 111 22.64 22.18 7.15
C HIS C 111 22.38 20.75 6.71
N ARG C 112 21.11 20.38 6.52
CA ARG C 112 20.82 19.01 6.07
C ARG C 112 21.28 18.79 4.63
N PHE C 113 21.53 19.84 3.87
CA PHE C 113 22.07 19.71 2.53
C PHE C 113 23.58 19.83 2.52
N VAL C 114 24.11 20.84 3.21
CA VAL C 114 25.55 21.09 3.17
C VAL C 114 26.32 20.02 3.94
N ALA C 115 25.82 19.60 5.10
CA ALA C 115 26.57 18.75 6.00
C ALA C 115 25.80 17.46 6.30
N VAL C 116 26.51 16.51 6.91
CA VAL C 116 25.89 15.27 7.36
C VAL C 116 25.26 15.51 8.73
N SER C 117 24.09 14.93 8.94
CA SER C 117 23.30 15.20 10.13
C SER C 117 23.30 13.99 11.07
N TYR C 118 22.51 14.08 12.14
CA TYR C 118 22.27 12.99 13.08
C TYR C 118 23.53 12.61 13.84
N GLN C 119 24.24 13.61 14.35
CA GLN C 119 25.37 13.35 15.22
C GLN C 119 24.87 12.84 16.57
N ILE C 120 25.44 11.74 17.03
CA ILE C 120 25.03 11.14 18.29
C ILE C 120 25.70 11.88 19.44
N GLY C 121 25.00 12.83 20.04
CA GLY C 121 25.56 13.61 21.14
C GLY C 121 26.67 14.54 20.66
N ASP C 122 27.89 14.32 21.16
CA ASP C 122 29.03 15.11 20.74
C ASP C 122 30.22 14.15 20.58
N THR C 123 29.92 12.90 20.25
CA THR C 123 30.98 11.94 19.95
C THR C 123 31.23 11.93 18.45
N ASN C 124 32.03 10.97 17.96
CA ASN C 124 32.26 10.81 16.54
C ASN C 124 31.52 9.55 16.09
N ALA C 125 30.23 9.72 15.81
CA ALA C 125 29.37 8.64 15.33
C ALA C 125 28.07 9.27 14.87
N TYR C 126 27.72 9.07 13.61
CA TYR C 126 26.51 9.68 13.07
C TYR C 126 25.43 8.67 12.74
N GLY C 127 24.18 9.09 12.94
CA GLY C 127 23.04 8.24 12.65
C GLY C 127 22.54 8.40 11.24
N LYS C 128 21.37 7.82 10.99
CA LYS C 128 20.74 7.80 9.68
C LYS C 128 19.37 8.44 9.74
N GLY C 129 18.92 8.95 8.59
CA GLY C 129 17.62 9.60 8.48
C GLY C 129 17.32 10.05 7.07
N ILE C 130 16.53 11.11 6.93
CA ILE C 130 16.16 11.65 5.62
C ILE C 130 17.06 12.80 5.19
N ASN C 131 17.69 13.49 6.13
CA ASN C 131 18.73 14.43 5.78
C ASN C 131 19.89 13.76 5.07
N ASP C 132 20.03 12.44 5.21
CA ASP C 132 20.95 11.68 4.37
C ASP C 132 20.54 11.77 2.90
N LEU C 133 19.24 11.62 2.61
CA LEU C 133 18.76 11.80 1.25
C LEU C 133 18.98 13.23 0.77
N CYS C 134 18.74 14.21 1.63
CA CYS C 134 18.98 15.60 1.25
C CYS C 134 20.44 15.85 0.91
N PHE C 135 21.36 15.35 1.74
CA PHE C 135 22.79 15.47 1.50
C PHE C 135 23.19 14.79 0.20
N VAL C 136 22.66 13.59 -0.05
CA VAL C 136 22.99 12.86 -1.27
C VAL C 136 22.52 13.63 -2.49
N PHE C 137 21.31 14.20 -2.44
CA PHE C 137 20.81 14.97 -3.57
C PHE C 137 21.63 16.22 -3.82
N TYR C 138 21.93 16.98 -2.77
CA TYR C 138 22.72 18.19 -2.95
C TYR C 138 24.10 17.87 -3.49
N TYR C 139 24.70 16.77 -3.09
CA TYR C 139 26.01 16.46 -3.63
C TYR C 139 25.96 15.71 -4.96
N MET C 140 24.79 15.18 -5.35
CA MET C 140 24.60 14.87 -6.76
C MET C 140 24.70 16.13 -7.60
N ILE C 141 24.06 17.21 -7.14
CA ILE C 141 24.20 18.48 -7.84
C ILE C 141 25.66 18.94 -7.85
N PHE C 142 26.34 18.81 -6.71
CA PHE C 142 27.75 19.18 -6.64
C PHE C 142 28.63 18.38 -7.61
N PHE C 143 28.41 17.07 -7.70
CA PHE C 143 29.23 16.26 -8.59
C PHE C 143 28.88 16.54 -10.04
N THR C 144 27.62 16.86 -10.33
CA THR C 144 27.27 17.31 -11.68
C THR C 144 28.04 18.58 -12.04
N PHE C 145 28.15 19.52 -11.10
CA PHE C 145 28.96 20.70 -11.37
C PHE C 145 30.42 20.34 -11.57
N LEU C 146 30.98 19.54 -10.67
CA LEU C 146 32.41 19.26 -10.68
C LEU C 146 32.81 18.53 -11.95
N ARG C 147 32.02 17.53 -12.36
CA ARG C 147 32.32 16.78 -13.57
C ARG C 147 32.53 17.72 -14.75
N GLU C 148 31.52 18.53 -15.06
CA GLU C 148 31.61 19.39 -16.23
C GLU C 148 32.67 20.47 -16.07
N PHE C 149 32.71 21.16 -14.93
CA PHE C 149 33.67 22.24 -14.76
C PHE C 149 35.11 21.74 -14.84
N LEU C 150 35.43 20.73 -14.04
CA LEU C 150 36.79 20.18 -14.07
C LEU C 150 37.13 19.67 -15.46
N MET C 151 36.28 18.80 -16.01
CA MET C 151 36.51 18.25 -17.33
C MET C 151 36.86 19.34 -18.32
N ASP C 152 35.95 20.28 -18.55
CA ASP C 152 36.21 21.34 -19.51
C ASP C 152 37.46 22.12 -19.14
N VAL C 153 37.41 22.86 -18.04
CA VAL C 153 38.38 23.92 -17.77
C VAL C 153 39.79 23.35 -17.64
N VAL C 154 39.93 22.18 -17.05
CA VAL C 154 41.26 21.61 -16.87
C VAL C 154 41.66 20.74 -18.05
N ILE C 155 40.86 19.72 -18.39
CA ILE C 155 41.29 18.75 -19.36
C ILE C 155 41.41 19.31 -20.78
N ARG C 156 40.55 20.26 -21.14
CA ARG C 156 40.62 20.88 -22.45
C ARG C 156 42.06 21.30 -22.71
N PRO C 157 42.57 22.26 -21.90
CA PRO C 157 43.95 22.72 -22.08
C PRO C 157 44.97 21.59 -22.04
N PHE C 158 44.84 20.67 -21.08
CA PHE C 158 45.77 19.55 -20.94
C PHE C 158 45.75 18.57 -22.12
N ALA C 159 44.55 18.24 -22.59
CA ALA C 159 44.40 17.30 -23.69
C ALA C 159 44.57 17.94 -25.05
N ILE C 160 44.63 19.28 -25.13
CA ILE C 160 44.93 19.97 -26.37
C ILE C 160 46.39 20.32 -26.49
N ARG C 161 47.06 20.74 -25.42
CA ARG C 161 48.50 20.95 -25.43
C ARG C 161 49.26 19.64 -25.55
N LEU C 162 48.57 18.52 -25.40
CA LEU C 162 49.10 17.20 -25.73
C LEU C 162 48.53 16.79 -27.09
N HIS C 163 49.46 16.44 -27.97
CA HIS C 163 49.21 16.06 -29.36
C HIS C 163 48.25 14.90 -29.62
N VAL C 164 47.01 15.05 -29.17
CA VAL C 164 46.00 14.03 -29.45
C VAL C 164 45.04 14.59 -30.49
N THR C 165 45.08 14.01 -31.68
CA THR C 165 44.25 14.49 -32.78
C THR C 165 43.21 13.51 -33.30
N SER C 166 42.05 13.50 -32.65
CA SER C 166 40.94 12.66 -33.06
C SER C 166 39.66 13.09 -32.33
N LYS C 167 38.61 12.29 -32.49
CA LYS C 167 37.34 12.54 -31.83
C LYS C 167 37.16 11.50 -30.73
N HIS C 168 37.35 10.24 -31.09
CA HIS C 168 37.24 9.13 -30.15
C HIS C 168 38.36 9.22 -29.13
N ARG C 169 39.56 9.55 -29.59
CA ARG C 169 40.70 9.68 -28.69
C ARG C 169 40.48 10.82 -27.69
N ILE C 170 39.99 11.97 -28.15
CA ILE C 170 39.81 13.10 -27.25
C ILE C 170 38.68 12.83 -26.24
N LYS C 171 37.58 12.23 -26.69
CA LYS C 171 36.48 11.95 -25.78
C LYS C 171 36.88 10.94 -24.71
N ARG C 172 37.54 9.87 -25.11
CA ARG C 172 37.93 8.87 -24.12
C ARG C 172 39.07 9.32 -23.24
N ILE C 173 40.01 10.13 -23.74
CA ILE C 173 41.03 10.66 -22.84
C ILE C 173 40.39 11.62 -21.84
N MET C 174 39.39 12.39 -22.29
CA MET C 174 38.55 13.18 -21.38
C MET C 174 38.03 12.33 -20.23
N GLU C 175 37.24 11.33 -20.59
CA GLU C 175 36.60 10.45 -19.61
C GLU C 175 37.56 9.71 -18.68
N GLN C 176 38.67 9.23 -19.21
CA GLN C 176 39.61 8.48 -18.38
C GLN C 176 40.45 9.39 -17.50
N MET C 177 40.78 10.60 -17.94
CA MET C 177 41.45 11.51 -17.04
C MET C 177 40.54 11.98 -15.91
N TYR C 178 39.25 12.22 -16.19
CA TYR C 178 38.35 12.55 -15.09
C TYR C 178 38.23 11.38 -14.11
N ALA C 179 38.14 10.15 -14.63
CA ALA C 179 38.10 8.98 -13.77
C ALA C 179 39.36 8.84 -12.94
N ILE C 180 40.54 9.09 -13.54
CA ILE C 180 41.78 9.10 -12.79
C ILE C 180 41.73 10.11 -11.66
N PHE C 181 41.27 11.33 -11.90
CA PHE C 181 41.21 12.32 -10.82
C PHE C 181 40.28 11.86 -9.71
N TYR C 182 39.04 11.51 -10.05
CA TYR C 182 38.08 11.15 -9.02
C TYR C 182 38.56 9.95 -8.22
N THR C 183 39.10 8.94 -8.90
CA THR C 183 39.51 7.74 -8.18
C THR C 183 40.77 7.98 -7.37
N GLY C 184 41.68 8.84 -7.86
CA GLY C 184 42.84 9.19 -7.05
C GLY C 184 42.43 9.92 -5.79
N VAL C 185 41.31 10.64 -5.83
CA VAL C 185 40.81 11.26 -4.60
C VAL C 185 40.13 10.23 -3.71
N SER C 186 39.31 9.34 -4.29
CA SER C 186 38.42 8.51 -3.48
C SER C 186 39.04 7.19 -3.04
N GLY C 187 40.17 6.78 -3.62
CA GLY C 187 40.79 5.53 -3.25
C GLY C 187 41.59 5.63 -1.97
N PRO C 188 42.55 6.54 -1.95
CA PRO C 188 43.27 6.79 -0.68
C PRO C 188 42.36 7.22 0.44
N PHE C 189 41.25 7.88 0.11
CA PHE C 189 40.29 8.31 1.12
C PHE C 189 39.72 7.06 1.79
N GLY C 190 39.26 6.12 0.97
CA GLY C 190 38.72 4.87 1.48
C GLY C 190 39.74 4.05 2.24
N ILE C 191 40.99 4.04 1.75
CA ILE C 191 42.04 3.30 2.46
C ILE C 191 42.33 3.95 3.81
N TYR C 192 42.27 5.28 3.89
CA TYR C 192 42.42 5.98 5.16
C TYR C 192 41.26 5.69 6.10
N CYS C 193 40.04 5.61 5.58
CA CYS C 193 38.90 5.23 6.41
C CYS C 193 39.04 3.81 6.94
N MET C 194 39.52 2.89 6.12
CA MET C 194 39.72 1.50 6.54
C MET C 194 40.98 1.31 7.38
N TYR C 195 41.87 2.30 7.39
CA TYR C 195 43.06 2.26 8.24
C TYR C 195 42.75 2.58 9.70
N HIS C 196 41.81 3.50 9.94
CA HIS C 196 41.46 3.91 11.29
C HIS C 196 40.33 3.08 11.88
N SER C 197 40.17 1.84 11.44
CA SER C 197 39.19 0.93 12.01
C SER C 197 39.85 -0.43 12.17
N ASP C 198 39.07 -1.41 12.60
CA ASP C 198 39.56 -2.77 12.80
C ASP C 198 39.47 -3.61 11.53
N LEU C 199 39.02 -2.98 10.45
CA LEU C 199 38.85 -3.65 9.18
C LEU C 199 40.19 -3.71 8.50
N TRP C 200 41.22 -3.25 9.15
CA TRP C 200 42.49 -3.12 8.57
C TRP C 200 43.05 -4.31 8.15
N PHE C 201 43.19 -4.31 6.86
CA PHE C 201 43.61 -5.13 5.83
C PHE C 201 42.78 -6.15 5.78
N PHE C 202 41.81 -5.92 4.94
CA PHE C 202 40.69 -6.63 4.61
C PHE C 202 40.42 -7.69 5.54
N ASN C 203 40.26 -7.39 6.79
CA ASN C 203 39.90 -8.35 7.80
C ASN C 203 38.41 -8.50 7.62
N THR C 204 37.95 -9.74 7.54
CA THR C 204 36.54 -10.03 7.29
C THR C 204 35.77 -10.31 8.57
N LYS C 205 36.46 -10.49 9.70
CA LYS C 205 35.74 -10.70 10.96
C LYS C 205 35.23 -9.40 11.57
N ALA C 206 36.05 -8.33 11.53
CA ALA C 206 35.57 -7.03 11.98
C ALA C 206 34.46 -6.50 11.09
N MET C 207 34.29 -7.12 9.94
CA MET C 207 33.22 -6.87 9.00
C MET C 207 31.88 -7.44 9.47
N TYR C 208 31.90 -8.27 10.52
CA TYR C 208 30.68 -8.86 11.06
C TYR C 208 30.53 -8.79 12.57
N ARG C 209 31.60 -8.55 13.34
CA ARG C 209 31.50 -8.69 14.79
C ARG C 209 30.40 -7.80 15.40
N THR C 210 30.53 -6.48 15.24
CA THR C 210 29.54 -5.55 15.77
C THR C 210 28.57 -5.22 14.65
N TYR C 211 27.68 -6.16 14.31
CA TYR C 211 26.85 -5.99 13.12
C TYR C 211 25.94 -4.77 13.14
N PRO C 212 24.97 -4.65 14.05
CA PRO C 212 23.84 -3.74 13.78
C PRO C 212 24.24 -2.32 13.40
N ASP C 213 25.42 -1.84 13.82
CA ASP C 213 26.06 -0.64 13.29
C ASP C 213 25.11 0.48 12.88
N PHE C 214 24.30 0.98 13.81
CA PHE C 214 23.38 2.05 13.46
C PHE C 214 24.10 3.37 13.20
N THR C 215 25.32 3.54 13.71
CA THR C 215 26.05 4.78 13.59
C THR C 215 27.37 4.54 12.88
N ASN C 216 27.82 5.55 12.15
CA ASN C 216 29.08 5.53 11.42
C ASN C 216 29.89 6.75 11.80
N PRO C 217 31.21 6.67 11.74
CA PRO C 217 32.04 7.85 12.03
C PRO C 217 31.81 8.96 11.01
N PHE C 218 32.37 10.12 11.30
CA PHE C 218 32.21 11.28 10.43
C PHE C 218 32.78 11.01 9.04
N LEU C 219 34.09 10.74 8.97
CA LEU C 219 34.73 10.52 7.69
C LEU C 219 34.17 9.32 6.95
N PHE C 220 33.83 8.26 7.68
CA PHE C 220 33.26 7.07 7.09
C PHE C 220 31.91 7.38 6.45
N LYS C 221 31.08 8.17 7.13
CA LYS C 221 29.77 8.52 6.60
C LYS C 221 29.88 9.46 5.40
N VAL C 222 30.74 10.47 5.49
CA VAL C 222 30.85 11.40 4.37
C VAL C 222 31.43 10.71 3.15
N PHE C 223 32.38 9.79 3.35
CA PHE C 223 32.90 9.01 2.24
C PHE C 223 31.81 8.16 1.62
N TYR C 224 31.09 7.41 2.45
CA TYR C 224 30.04 6.52 1.98
C TYR C 224 28.98 7.25 1.16
N LEU C 225 28.48 8.34 1.71
CA LEU C 225 27.46 9.14 1.06
C LEU C 225 27.97 9.93 -0.14
N GLY C 226 29.24 10.35 -0.14
CA GLY C 226 29.80 10.94 -1.34
C GLY C 226 29.91 9.94 -2.48
N GLN C 227 30.31 8.71 -2.16
CA GLN C 227 30.30 7.66 -3.17
C GLN C 227 28.88 7.41 -3.68
N ALA C 228 27.90 7.38 -2.78
CA ALA C 228 26.51 7.21 -3.20
C ALA C 228 26.06 8.34 -4.11
N ALA C 229 26.38 9.59 -3.79
CA ALA C 229 26.00 10.73 -4.62
C ALA C 229 26.68 10.68 -5.99
N PHE C 230 27.97 10.35 -6.02
CA PHE C 230 28.69 10.25 -7.28
C PHE C 230 28.07 9.19 -8.18
N TRP C 231 27.78 8.01 -7.62
CA TRP C 231 27.25 6.95 -8.46
C TRP C 231 25.80 7.21 -8.85
N ALA C 232 25.03 7.87 -8.00
CA ALA C 232 23.67 8.25 -8.37
C ALA C 232 23.69 9.26 -9.51
N GLN C 233 24.63 10.21 -9.47
CA GLN C 233 24.75 11.15 -10.57
C GLN C 233 25.18 10.45 -11.86
N GLN C 234 26.11 9.49 -11.77
CA GLN C 234 26.47 8.70 -12.94
C GLN C 234 25.26 7.99 -13.52
N ALA C 235 24.44 7.38 -12.66
CA ALA C 235 23.25 6.67 -13.14
C ALA C 235 22.26 7.62 -13.80
N CYS C 236 22.03 8.80 -13.22
CA CYS C 236 21.04 9.69 -13.80
C CYS C 236 21.54 10.26 -15.12
N ILE C 237 22.86 10.49 -15.25
CA ILE C 237 23.42 10.82 -16.54
C ILE C 237 23.23 9.71 -17.56
N LEU C 238 23.36 8.46 -17.11
CA LEU C 238 23.16 7.31 -17.98
C LEU C 238 21.70 7.23 -18.45
N VAL C 239 20.78 7.64 -17.59
CA VAL C 239 19.35 7.63 -17.91
C VAL C 239 19.01 8.82 -18.81
N LEU C 240 19.26 10.02 -18.31
CA LEU C 240 19.06 11.25 -19.08
C LEU C 240 20.19 11.33 -20.09
N GLN C 241 19.97 10.73 -21.26
CA GLN C 241 21.02 10.58 -22.25
C GLN C 241 21.37 11.93 -22.86
N LEU C 242 22.67 12.12 -23.12
CA LEU C 242 23.17 13.30 -23.80
C LEU C 242 24.24 12.88 -24.81
N GLU C 243 24.23 11.59 -25.16
CA GLU C 243 25.28 11.00 -25.97
C GLU C 243 24.68 9.82 -26.71
N LYS C 244 25.40 9.39 -27.76
CA LYS C 244 25.00 8.23 -28.55
C LYS C 244 25.12 7.08 -27.58
N PRO C 245 24.03 6.35 -27.37
CA PRO C 245 24.12 5.27 -26.36
C PRO C 245 24.86 4.01 -26.78
N ARG C 246 24.61 3.63 -28.03
CA ARG C 246 25.10 2.41 -28.70
C ARG C 246 26.48 1.85 -28.37
N LYS C 247 27.34 2.65 -27.74
CA LYS C 247 28.65 2.15 -27.36
C LYS C 247 28.39 0.67 -27.18
N ASP C 248 29.32 -0.15 -27.67
CA ASP C 248 29.20 -1.62 -27.61
C ASP C 248 29.40 -2.30 -26.26
N HIS C 249 28.99 -1.66 -25.16
CA HIS C 249 29.11 -2.27 -23.85
C HIS C 249 27.88 -1.92 -23.03
N ASN C 250 26.86 -2.77 -23.14
CA ASN C 250 25.59 -2.53 -22.48
C ASN C 250 25.51 -3.07 -21.06
N GLU C 251 26.26 -4.13 -20.77
CA GLU C 251 26.18 -4.67 -19.42
C GLU C 251 26.46 -3.60 -18.38
N LEU C 252 26.89 -2.42 -18.82
CA LEU C 252 27.20 -1.33 -17.91
C LEU C 252 25.95 -0.82 -17.21
N THR C 253 24.81 -0.86 -17.90
CA THR C 253 23.56 -0.46 -17.25
C THR C 253 23.20 -1.42 -16.12
N PHE C 254 23.34 -2.72 -16.35
CA PHE C 254 23.10 -3.69 -15.29
C PHE C 254 24.08 -3.50 -14.15
N HIS C 255 25.35 -3.22 -14.48
CA HIS C 255 26.35 -2.98 -13.46
C HIS C 255 26.00 -1.76 -12.61
N HIS C 256 25.53 -0.69 -13.26
CA HIS C 256 25.14 0.51 -12.54
C HIS C 256 23.93 0.26 -11.65
N ILE C 257 22.98 -0.54 -12.13
CA ILE C 257 21.84 -0.90 -11.29
C ILE C 257 22.30 -1.65 -10.05
N VAL C 258 23.18 -2.64 -10.26
CA VAL C 258 23.68 -3.45 -9.14
C VAL C 258 24.47 -2.58 -8.16
N THR C 259 25.26 -1.64 -8.68
CA THR C 259 26.04 -0.75 -7.83
C THR C 259 25.16 0.11 -6.93
N LEU C 260 24.15 0.77 -7.48
CA LEU C 260 23.24 1.57 -6.66
C LEU C 260 22.44 0.72 -5.68
N LEU C 261 21.98 -0.47 -6.10
CA LEU C 261 21.31 -1.35 -5.17
C LEU C 261 22.23 -1.74 -4.01
N LEU C 262 23.49 -2.06 -4.32
CA LEU C 262 24.43 -2.43 -3.28
C LEU C 262 24.66 -1.28 -2.31
N ILE C 263 24.94 -0.09 -2.83
CA ILE C 263 25.19 1.07 -1.97
C ILE C 263 23.99 1.34 -1.08
N TRP C 264 22.81 1.42 -1.68
CA TRP C 264 21.62 1.80 -0.93
C TRP C 264 21.24 0.75 0.11
N SER C 265 21.20 -0.52 -0.26
CA SER C 265 20.88 -1.58 0.68
C SER C 265 21.94 -1.77 1.75
N SER C 266 23.18 -1.46 1.41
CA SER C 266 24.29 -1.56 2.35
C SER C 266 24.11 -0.50 3.43
N TYR C 267 23.75 0.71 3.03
CA TYR C 267 23.54 1.79 4.00
C TYR C 267 22.28 1.56 4.82
N VAL C 268 21.17 1.23 4.16
CA VAL C 268 19.88 1.13 4.81
C VAL C 268 19.83 0.00 5.82
N PHE C 269 20.45 -1.14 5.51
CA PHE C 269 20.36 -2.32 6.35
C PHE C 269 21.60 -2.50 7.23
N HIS C 270 22.38 -1.42 7.39
CA HIS C 270 23.47 -1.36 8.35
C HIS C 270 24.62 -2.29 8.00
N PHE C 271 24.93 -2.42 6.71
CA PHE C 271 26.03 -3.26 6.26
C PHE C 271 27.17 -2.43 5.69
N THR C 272 27.46 -1.29 6.31
CA THR C 272 28.42 -0.35 5.72
C THR C 272 29.87 -0.78 5.91
N LYS C 273 30.21 -1.33 7.08
CA LYS C 273 31.53 -1.92 7.26
C LYS C 273 31.78 -3.05 6.29
N MET C 274 30.72 -3.72 5.86
CA MET C 274 30.86 -4.78 4.87
C MET C 274 31.07 -4.19 3.48
N GLY C 275 30.52 -2.99 3.23
CA GLY C 275 30.63 -2.38 1.92
C GLY C 275 31.90 -1.60 1.68
N LEU C 276 32.55 -1.14 2.74
CA LEU C 276 33.78 -0.36 2.55
C LEU C 276 34.90 -1.10 1.80
N PRO C 277 35.21 -2.37 2.09
CA PRO C 277 36.24 -3.05 1.29
C PRO C 277 35.94 -3.10 -0.20
N ILE C 278 34.67 -3.21 -0.60
CA ILE C 278 34.34 -3.23 -2.02
C ILE C 278 34.61 -1.87 -2.65
N TYR C 279 34.23 -0.77 -1.99
CA TYR C 279 34.68 0.53 -2.46
C TYR C 279 36.19 0.57 -2.67
N ILE C 280 36.96 0.10 -1.69
CA ILE C 280 38.41 0.19 -1.86
C ILE C 280 38.88 -0.61 -3.06
N THR C 281 38.43 -1.87 -3.17
CA THR C 281 38.93 -2.75 -4.22
C THR C 281 38.50 -2.30 -5.61
N MET C 282 37.26 -1.85 -5.78
CA MET C 282 36.84 -1.32 -7.07
C MET C 282 37.55 -0.02 -7.40
N ASP C 283 37.76 0.86 -6.41
CA ASP C 283 38.42 2.13 -6.68
C ASP C 283 39.86 1.95 -7.15
N VAL C 284 40.66 1.15 -6.44
CA VAL C 284 42.06 1.03 -6.85
C VAL C 284 42.17 0.42 -8.25
N SER C 285 41.33 -0.57 -8.54
CA SER C 285 41.32 -1.16 -9.89
C SER C 285 40.92 -0.14 -10.93
N ASP C 286 39.92 0.70 -10.63
CA ASP C 286 39.53 1.75 -11.57
C ASP C 286 40.67 2.72 -11.82
N PHE C 287 41.39 3.10 -10.76
CA PHE C 287 42.52 4.01 -10.92
C PHE C 287 43.56 3.43 -11.87
N LEU C 288 43.96 2.17 -11.61
CA LEU C 288 45.01 1.58 -12.43
C LEU C 288 44.54 1.38 -13.88
N LEU C 289 43.29 0.95 -14.06
CA LEU C 289 42.77 0.74 -15.40
C LEU C 289 42.69 2.05 -16.17
N SER C 290 42.21 3.12 -15.54
CA SER C 290 42.14 4.41 -16.21
C SER C 290 43.52 4.94 -16.55
N PHE C 291 44.49 4.75 -15.64
CA PHE C 291 45.85 5.18 -15.94
C PHE C 291 46.43 4.42 -17.13
N SER C 292 46.20 3.11 -17.19
CA SER C 292 46.68 2.33 -18.32
C SER C 292 46.01 2.74 -19.63
N LYS C 293 44.70 2.99 -19.61
CA LYS C 293 44.02 3.41 -20.84
C LYS C 293 44.47 4.79 -21.28
N THR C 294 44.75 5.69 -20.33
CA THR C 294 45.31 6.98 -20.71
C THR C 294 46.68 6.83 -21.35
N LEU C 295 47.56 6.02 -20.75
CA LEU C 295 48.86 5.78 -21.35
C LEU C 295 48.72 5.15 -22.73
N ASN C 296 47.68 4.34 -22.94
CA ASN C 296 47.39 3.82 -24.27
C ASN C 296 47.03 4.95 -25.23
N TYR C 297 46.10 5.80 -24.83
CA TYR C 297 45.64 6.90 -25.66
C TYR C 297 46.78 7.83 -26.11
N LEU C 298 47.69 8.13 -25.19
CA LEU C 298 48.81 9.01 -25.53
C LEU C 298 49.85 8.34 -26.42
N ASP C 299 49.67 7.05 -26.69
CA ASP C 299 50.65 6.33 -27.49
C ASP C 299 52.00 6.59 -26.83
N SER C 300 52.24 5.95 -25.70
CA SER C 300 53.49 6.17 -24.96
C SER C 300 54.52 5.05 -25.07
N GLY C 301 54.08 3.79 -25.18
CA GLY C 301 55.03 2.70 -25.25
C GLY C 301 55.32 2.16 -23.87
N LEU C 302 55.03 2.97 -22.86
CA LEU C 302 55.12 2.56 -21.46
C LEU C 302 53.80 1.99 -20.98
N ALA C 303 52.81 1.94 -21.88
CA ALA C 303 51.47 1.51 -21.56
C ALA C 303 51.36 0.02 -21.23
N PHE C 304 52.25 -0.81 -21.78
CA PHE C 304 52.19 -2.25 -21.51
C PHE C 304 52.59 -2.62 -20.10
N PHE C 305 53.56 -1.88 -19.54
CA PHE C 305 53.99 -2.11 -18.17
C PHE C 305 52.81 -1.77 -17.26
N SER C 306 52.17 -0.63 -17.52
CA SER C 306 51.00 -0.21 -16.76
C SER C 306 49.88 -1.22 -16.90
N PHE C 307 49.69 -1.78 -18.08
CA PHE C 307 48.65 -2.79 -18.27
C PHE C 307 48.95 -4.06 -17.47
N ALA C 308 50.21 -4.47 -17.42
CA ALA C 308 50.57 -5.64 -16.61
C ALA C 308 50.34 -5.37 -15.13
N ILE C 309 50.74 -4.20 -14.65
CA ILE C 309 50.47 -3.83 -13.26
C ILE C 309 48.98 -3.84 -12.99
N PHE C 310 48.20 -3.28 -13.94
CA PHE C 310 46.76 -3.25 -13.78
C PHE C 310 46.16 -4.64 -13.74
N VAL C 311 46.63 -5.56 -14.60
CA VAL C 311 45.99 -6.88 -14.63
C VAL C 311 46.33 -7.66 -13.37
N VAL C 312 47.57 -7.53 -12.86
CA VAL C 312 47.90 -8.19 -11.61
C VAL C 312 47.05 -7.62 -10.47
N ALA C 313 46.96 -6.29 -10.38
CA ALA C 313 46.19 -5.68 -9.31
C ALA C 313 44.71 -5.96 -9.45
N TRP C 314 44.21 -6.02 -10.68
CA TRP C 314 42.81 -6.39 -10.90
C TRP C 314 42.55 -7.79 -10.40
N ILE C 315 43.35 -8.76 -10.84
CA ILE C 315 43.18 -10.13 -10.38
C ILE C 315 43.15 -10.17 -8.86
N TYR C 316 44.21 -9.69 -8.22
CA TYR C 316 44.25 -9.73 -6.76
C TYR C 316 43.06 -8.99 -6.16
N LEU C 317 43.02 -7.67 -6.32
CA LEU C 317 42.12 -6.81 -5.56
C LEU C 317 40.66 -7.11 -5.85
N ARG C 318 40.31 -7.40 -7.11
CA ARG C 318 38.92 -7.77 -7.35
C ARG C 318 38.68 -9.24 -7.05
N HIS C 319 39.30 -10.14 -7.80
CA HIS C 319 38.85 -11.51 -7.70
C HIS C 319 39.28 -12.17 -6.39
N TYR C 320 40.53 -12.06 -5.97
CA TYR C 320 40.93 -12.74 -4.75
C TYR C 320 40.19 -12.17 -3.55
N ILE C 321 40.14 -10.84 -3.44
CA ILE C 321 39.51 -10.21 -2.28
C ILE C 321 38.00 -10.43 -2.28
N ASN C 322 37.36 -10.38 -3.45
CA ASN C 322 35.92 -10.54 -3.49
C ASN C 322 35.46 -11.99 -3.39
N LEU C 323 36.21 -12.97 -3.90
CA LEU C 323 35.96 -14.34 -3.47
C LEU C 323 36.21 -14.55 -1.99
N LYS C 324 37.21 -13.88 -1.40
CA LYS C 324 37.39 -13.96 0.04
C LYS C 324 36.16 -13.42 0.77
N ILE C 325 35.59 -12.32 0.27
CA ILE C 325 34.40 -11.74 0.90
C ILE C 325 33.18 -12.62 0.70
N LEU C 326 33.02 -13.19 -0.50
CA LEU C 326 31.90 -14.10 -0.73
C LEU C 326 32.00 -15.37 0.11
N TRP C 327 33.21 -15.92 0.28
CA TRP C 327 33.38 -17.04 1.18
C TRP C 327 33.16 -16.60 2.63
N SER C 328 33.54 -15.37 2.96
CA SER C 328 33.30 -14.84 4.29
C SER C 328 31.81 -14.76 4.57
N VAL C 329 31.01 -14.39 3.57
CA VAL C 329 29.56 -14.43 3.75
C VAL C 329 29.13 -15.80 4.22
N LEU C 330 29.34 -16.81 3.36
CA LEU C 330 28.91 -18.17 3.62
C LEU C 330 29.41 -18.72 4.94
N THR C 331 30.62 -18.33 5.35
CA THR C 331 31.20 -18.92 6.54
C THR C 331 30.92 -18.10 7.80
N GLN C 332 31.38 -16.85 7.82
CA GLN C 332 31.33 -16.02 9.02
C GLN C 332 30.14 -15.08 9.09
N PHE C 333 29.20 -15.14 8.14
CA PHE C 333 27.95 -14.43 8.29
C PHE C 333 27.15 -15.05 9.43
N ARG C 334 27.25 -16.37 9.57
CA ARG C 334 26.60 -17.25 10.51
C ARG C 334 27.40 -17.50 11.75
N THR C 335 28.61 -16.97 11.89
CA THR C 335 29.50 -17.39 12.97
C THR C 335 30.01 -16.20 13.77
N GLU C 336 30.08 -15.03 13.14
CA GLU C 336 30.54 -13.82 13.80
C GLU C 336 29.35 -12.94 14.15
N GLY C 337 29.34 -12.44 15.38
CA GLY C 337 28.28 -11.55 15.82
C GLY C 337 26.96 -12.28 16.02
N ASN C 338 25.87 -11.53 15.84
CA ASN C 338 24.52 -12.03 16.06
C ASN C 338 23.99 -12.65 14.77
N TYR C 339 23.36 -13.82 14.89
CA TYR C 339 22.78 -14.51 13.74
C TYR C 339 21.36 -14.96 14.04
N VAL C 340 20.73 -14.37 15.04
CA VAL C 340 19.33 -14.64 15.36
C VAL C 340 18.52 -13.41 14.95
N LEU C 341 17.57 -13.59 14.06
CA LEU C 341 16.80 -12.46 13.54
C LEU C 341 16.02 -11.77 14.64
N ASN C 342 16.07 -10.45 14.63
CA ASN C 342 15.34 -9.64 15.61
C ASN C 342 14.84 -8.39 14.91
N PHE C 343 13.55 -8.34 14.60
CA PHE C 343 12.97 -7.17 13.97
C PHE C 343 12.87 -5.98 14.92
N ALA C 344 12.83 -6.23 16.24
CA ALA C 344 12.76 -5.15 17.20
C ALA C 344 14.08 -4.43 17.36
N THR C 345 15.19 -5.17 17.32
CA THR C 345 16.53 -4.61 17.51
C THR C 345 17.20 -4.31 16.17
N GLN C 346 16.47 -4.51 15.07
CA GLN C 346 16.98 -4.25 13.72
C GLN C 346 18.21 -5.11 13.42
N GLN C 347 18.16 -6.36 13.87
CA GLN C 347 19.20 -7.33 13.59
C GLN C 347 18.75 -8.13 12.37
N TYR C 348 19.26 -7.73 11.20
CA TYR C 348 18.86 -8.35 9.95
C TYR C 348 19.85 -9.41 9.47
N LYS C 349 20.96 -9.60 10.17
CA LYS C 349 21.90 -10.65 9.79
C LYS C 349 21.35 -11.99 10.22
N CYS C 350 20.83 -12.75 9.26
CA CYS C 350 20.18 -14.01 9.55
C CYS C 350 20.15 -14.91 8.32
N TRP C 351 19.47 -16.04 8.40
CA TRP C 351 19.43 -16.97 7.27
C TRP C 351 18.67 -16.39 6.09
N ILE C 352 17.81 -15.40 6.33
CA ILE C 352 17.03 -14.81 5.24
C ILE C 352 17.85 -13.88 4.38
N SER C 353 18.69 -13.03 4.97
CA SER C 353 19.46 -12.04 4.23
C SER C 353 20.77 -12.57 3.67
N LEU C 354 21.17 -13.77 4.08
CA LEU C 354 22.39 -14.37 3.54
C LEU C 354 22.26 -14.62 2.04
N PRO C 355 21.17 -15.23 1.54
CA PRO C 355 21.02 -15.34 0.09
C PRO C 355 21.00 -14.00 -0.62
N ILE C 356 20.38 -12.97 -0.04
CA ILE C 356 20.31 -11.67 -0.70
C ILE C 356 21.70 -11.08 -0.84
N VAL C 357 22.47 -11.11 0.25
CA VAL C 357 23.82 -10.57 0.23
C VAL C 357 24.68 -11.34 -0.78
N PHE C 358 24.61 -12.66 -0.73
CA PHE C 358 25.42 -13.48 -1.63
C PHE C 358 25.03 -13.25 -3.08
N VAL C 359 23.73 -13.14 -3.38
CA VAL C 359 23.30 -12.94 -4.75
C VAL C 359 23.78 -11.59 -5.27
N LEU C 360 23.66 -10.53 -4.47
CA LEU C 360 24.11 -9.23 -4.94
C LEU C 360 25.62 -9.21 -5.20
N ILE C 361 26.42 -9.70 -4.24
CA ILE C 361 27.86 -9.69 -4.46
C ILE C 361 28.26 -10.66 -5.57
N GLY C 362 27.55 -11.77 -5.73
CA GLY C 362 27.85 -12.69 -6.82
C GLY C 362 27.52 -12.10 -8.17
N ALA C 363 26.46 -11.31 -8.26
CA ALA C 363 26.15 -10.61 -9.50
C ALA C 363 27.26 -9.63 -9.84
N LEU C 364 27.71 -8.87 -8.85
CA LEU C 364 28.83 -7.96 -9.05
C LEU C 364 30.08 -8.73 -9.51
N GLN C 365 30.34 -9.89 -8.93
CA GLN C 365 31.53 -10.64 -9.30
C GLN C 365 31.42 -11.31 -10.65
N LEU C 366 30.22 -11.71 -11.08
CA LEU C 366 30.04 -12.21 -12.44
C LEU C 366 30.29 -11.11 -13.45
N VAL C 367 29.78 -9.91 -13.17
CA VAL C 367 30.06 -8.78 -14.07
C VAL C 367 31.56 -8.52 -14.13
N ASN C 368 32.25 -8.65 -13.01
CA ASN C 368 33.70 -8.45 -13.01
C ASN C 368 34.42 -9.57 -13.75
N LEU C 369 33.91 -10.80 -13.67
CA LEU C 369 34.53 -11.92 -14.35
C LEU C 369 34.43 -11.78 -15.87
N TYR C 370 33.34 -11.15 -16.32
CA TYR C 370 33.15 -10.90 -17.74
C TYR C 370 34.29 -10.00 -18.20
N TRP C 371 34.49 -8.89 -17.48
CA TRP C 371 35.56 -7.97 -17.80
C TRP C 371 36.94 -8.62 -17.68
N LEU C 372 37.12 -9.55 -16.77
CA LEU C 372 38.37 -10.32 -16.73
C LEU C 372 38.55 -11.14 -18.01
N PHE C 373 37.47 -11.72 -18.52
CA PHE C 373 37.55 -12.41 -19.80
C PHE C 373 37.97 -11.46 -20.91
N LEU C 374 37.40 -10.25 -20.92
CA LEU C 374 37.79 -9.27 -21.94
C LEU C 374 39.27 -8.90 -21.81
N ILE C 375 39.74 -8.71 -20.58
CA ILE C 375 41.14 -8.37 -20.36
C ILE C 375 42.05 -9.49 -20.83
N PHE C 376 41.69 -10.73 -20.53
CA PHE C 376 42.48 -11.86 -21.02
C PHE C 376 42.46 -11.96 -22.53
N ARG C 377 41.35 -11.58 -23.14
CA ARG C 377 41.22 -11.59 -24.59
C ARG C 377 42.20 -10.59 -25.19
N VAL C 378 42.26 -9.40 -24.62
CA VAL C 378 43.18 -8.36 -25.08
C VAL C 378 44.63 -8.77 -24.86
N LEU C 379 44.93 -9.40 -23.71
CA LEU C 379 46.26 -9.94 -23.49
C LEU C 379 46.61 -10.99 -24.54
N TYR C 380 45.63 -11.82 -24.91
CA TYR C 380 45.84 -12.81 -25.97
C TYR C 380 46.26 -12.14 -27.26
N ARG C 381 45.47 -11.17 -27.70
CA ARG C 381 45.76 -10.42 -28.92
C ARG C 381 47.15 -9.80 -28.86
N ILE C 382 47.51 -9.25 -27.71
CA ILE C 382 48.81 -8.61 -27.53
C ILE C 382 49.97 -9.62 -27.54
N LEU C 383 49.68 -10.86 -27.18
CA LEU C 383 50.71 -11.90 -27.14
C LEU C 383 50.73 -12.79 -28.38
N TRP C 384 49.83 -12.58 -29.35
CA TRP C 384 50.09 -13.17 -30.66
C TRP C 384 50.02 -12.16 -31.80
N ARG C 385 49.95 -10.86 -31.45
CA ARG C 385 49.88 -9.81 -32.46
C ARG C 385 50.55 -8.53 -31.96
N PRO D 18 17.89 13.91 -24.59
CA PRO D 18 17.59 14.47 -23.27
C PRO D 18 16.28 13.93 -22.72
N LYS D 19 16.24 12.64 -22.41
CA LYS D 19 15.02 12.00 -21.96
C LYS D 19 14.71 12.39 -20.52
N ILE D 20 14.19 13.59 -20.32
CA ILE D 20 13.93 14.12 -18.99
C ILE D 20 12.86 13.29 -18.29
N PHE D 21 11.85 12.85 -19.04
CA PHE D 21 10.80 12.04 -18.46
C PHE D 21 11.27 10.67 -17.99
N ASN D 22 12.21 10.05 -18.71
CA ASN D 22 12.77 8.80 -18.20
C ASN D 22 13.52 9.01 -16.89
N LEU D 23 14.27 10.11 -16.78
CA LEU D 23 14.94 10.41 -15.53
C LEU D 23 13.93 10.64 -14.41
N PHE D 24 12.85 11.38 -14.70
CA PHE D 24 11.83 11.60 -13.69
C PHE D 24 11.19 10.30 -13.25
N ARG D 25 10.86 9.41 -14.19
CA ARG D 25 10.22 8.15 -13.84
C ARG D 25 11.15 7.26 -13.04
N VAL D 26 12.44 7.20 -13.42
CA VAL D 26 13.35 6.33 -12.69
C VAL D 26 13.62 6.87 -11.29
N CYS D 27 13.74 8.21 -11.15
CA CYS D 27 13.88 8.79 -9.83
C CYS D 27 12.64 8.59 -8.97
N PHE D 28 11.47 8.67 -9.59
CA PHE D 28 10.20 8.46 -8.89
C PHE D 28 10.12 7.04 -8.35
N ILE D 29 10.43 6.08 -9.21
CA ILE D 29 10.41 4.67 -8.83
C ILE D 29 11.42 4.41 -7.73
N SER D 30 12.63 4.95 -7.89
CA SER D 30 13.67 4.77 -6.88
C SER D 30 13.26 5.32 -5.53
N LEU D 31 12.62 6.49 -5.51
CA LEU D 31 12.12 7.03 -4.24
C LEU D 31 11.01 6.19 -3.64
N LEU D 32 10.12 5.64 -4.45
CA LEU D 32 9.13 4.70 -3.91
C LEU D 32 9.79 3.43 -3.39
N LEU D 33 10.85 2.96 -4.04
CA LEU D 33 11.58 1.82 -3.50
C LEU D 33 12.19 2.16 -2.13
N ILE D 34 12.80 3.33 -2.03
CA ILE D 34 13.43 3.76 -0.78
C ILE D 34 12.39 3.87 0.32
N ALA D 35 11.27 4.53 0.04
CA ALA D 35 10.19 4.68 1.00
C ALA D 35 9.55 3.36 1.39
N ALA D 36 9.37 2.44 0.43
CA ALA D 36 8.82 1.14 0.76
C ALA D 36 9.75 0.36 1.69
N VAL D 37 11.06 0.42 1.43
CA VAL D 37 11.99 -0.29 2.31
C VAL D 37 12.05 0.35 3.69
N GLU D 38 12.03 1.68 3.77
CA GLU D 38 12.00 2.31 5.08
C GLU D 38 10.73 2.00 5.85
N TYR D 39 9.59 1.96 5.16
CA TYR D 39 8.36 1.56 5.83
C TYR D 39 8.42 0.10 6.25
N PHE D 40 9.04 -0.75 5.45
CA PHE D 40 9.23 -2.15 5.85
C PHE D 40 10.00 -2.23 7.16
N LYS D 41 11.12 -1.50 7.23
CA LYS D 41 11.91 -1.49 8.46
C LYS D 41 11.09 -0.99 9.65
N TYR D 42 10.43 0.16 9.49
CA TYR D 42 9.68 0.75 10.60
C TYR D 42 8.54 -0.16 11.04
N GLY D 43 7.78 -0.69 10.08
CA GLY D 43 6.64 -1.53 10.41
C GLY D 43 7.02 -2.86 11.03
N THR D 44 8.08 -3.49 10.54
CA THR D 44 8.55 -4.70 11.17
C THR D 44 9.18 -4.44 12.53
N ARG D 45 9.69 -3.24 12.78
CA ARG D 45 10.20 -2.91 14.11
C ARG D 45 9.11 -2.63 15.12
N ILE D 46 8.05 -1.92 14.74
CA ILE D 46 6.97 -1.64 15.68
C ILE D 46 5.94 -2.76 15.77
N ASN D 47 5.91 -3.67 14.78
CA ASN D 47 4.97 -4.79 14.78
C ASN D 47 5.79 -6.08 14.71
N TYR D 48 6.85 -6.15 15.51
CA TYR D 48 7.75 -7.29 15.45
C TYR D 48 7.15 -8.55 16.07
N GLU D 49 6.21 -8.42 17.00
CA GLU D 49 5.64 -9.59 17.65
C GLU D 49 4.79 -10.43 16.71
N TRP D 50 4.35 -9.85 15.59
CA TRP D 50 3.65 -10.63 14.58
C TRP D 50 4.54 -11.68 13.95
N PHE D 51 5.81 -11.35 13.71
CA PHE D 51 6.76 -12.28 13.12
C PHE D 51 7.36 -13.23 14.13
N HIS D 52 7.61 -12.79 15.36
CA HIS D 52 8.38 -13.57 16.32
C HIS D 52 7.52 -14.31 17.34
N CYS D 53 6.28 -13.90 17.56
CA CYS D 53 5.41 -14.52 18.55
C CYS D 53 4.16 -15.08 17.90
N THR D 54 3.85 -16.34 18.22
CA THR D 54 2.64 -16.98 17.73
C THR D 54 1.70 -17.21 18.89
N PRO D 55 0.45 -16.76 18.82
CA PRO D 55 -0.50 -16.97 19.92
C PRO D 55 -0.85 -18.45 20.07
N ILE D 56 -1.01 -18.88 21.31
CA ILE D 56 -1.36 -20.27 21.62
C ILE D 56 -2.59 -20.22 22.50
N LYS D 57 -3.75 -20.54 21.93
CA LYS D 57 -4.99 -20.53 22.68
C LYS D 57 -5.26 -21.89 23.30
N GLU D 58 -6.03 -21.89 24.37
CA GLU D 58 -6.35 -23.13 25.07
C GLU D 58 -7.71 -23.01 25.74
N PRO D 59 -8.79 -23.40 25.06
CA PRO D 59 -10.13 -23.30 25.66
C PRO D 59 -10.22 -24.03 26.99
N GLN D 60 -10.81 -23.39 28.00
CA GLN D 60 -10.96 -23.98 29.32
C GLN D 60 -12.35 -24.53 29.59
N SER D 61 -13.39 -23.70 29.52
CA SER D 61 -14.75 -24.15 29.70
C SER D 61 -15.71 -23.04 29.27
N GLY D 62 -16.66 -23.36 28.40
CA GLY D 62 -17.54 -22.33 27.89
C GLY D 62 -16.83 -21.32 27.03
N SER D 63 -16.98 -20.04 27.36
CA SER D 63 -16.44 -18.97 26.53
C SER D 63 -15.00 -18.59 26.87
N VAL D 64 -14.44 -19.10 27.94
CA VAL D 64 -13.12 -18.65 28.39
C VAL D 64 -12.04 -19.45 27.69
N ILE D 65 -10.90 -18.80 27.46
CA ILE D 65 -9.72 -19.43 26.89
C ILE D 65 -8.50 -18.95 27.65
N LYS D 66 -7.36 -19.58 27.36
CA LYS D 66 -6.08 -19.22 27.96
C LYS D 66 -5.13 -18.79 26.85
N LEU D 67 -4.49 -17.64 27.05
CA LEU D 67 -3.61 -17.05 26.04
C LEU D 67 -2.16 -17.09 26.51
N TRP D 68 -1.27 -17.37 25.56
CA TRP D 68 0.15 -17.05 25.70
C TRP D 68 0.75 -17.09 24.31
N ALA D 69 1.99 -16.61 24.20
CA ALA D 69 2.70 -16.58 22.93
C ALA D 69 4.02 -17.32 23.10
N ARG D 70 4.48 -17.95 22.02
CA ARG D 70 5.71 -18.70 22.04
C ARG D 70 6.50 -18.52 20.74
N GLY D 71 7.78 -18.19 20.88
CA GLY D 71 8.67 -17.98 19.75
C GLY D 71 10.09 -18.28 20.15
N GLY D 72 11.02 -17.63 19.46
CA GLY D 72 12.42 -17.76 19.76
C GLY D 72 12.87 -16.69 20.72
N PRO D 73 14.18 -16.42 20.75
CA PRO D 73 14.68 -15.39 21.67
C PRO D 73 14.13 -14.00 21.38
N SER D 74 13.66 -13.76 20.16
CA SER D 74 13.11 -12.46 19.79
C SER D 74 11.71 -12.23 20.32
N CYS D 75 11.03 -13.29 20.78
CA CYS D 75 9.75 -13.17 21.47
C CYS D 75 10.01 -12.94 22.96
N ASP D 76 10.22 -11.68 23.29
CA ASP D 76 10.51 -11.29 24.67
C ASP D 76 9.19 -11.13 25.43
N LYS D 77 9.28 -10.64 26.67
CA LYS D 77 8.06 -10.40 27.44
C LYS D 77 7.21 -9.32 26.82
N ARG D 78 7.84 -8.30 26.21
CA ARG D 78 7.07 -7.28 25.52
C ARG D 78 6.26 -7.85 24.39
N GLY D 79 6.86 -8.74 23.60
CA GLY D 79 6.17 -9.38 22.50
C GLY D 79 5.03 -10.25 22.97
N GLU D 80 5.24 -11.01 24.05
CA GLU D 80 4.17 -11.82 24.60
C GLU D 80 3.01 -10.97 25.07
N TYR D 81 3.30 -9.88 25.79
CA TYR D 81 2.25 -9.00 26.25
C TYR D 81 1.48 -8.40 25.10
N LYS D 82 2.19 -7.94 24.07
CA LYS D 82 1.53 -7.34 22.91
C LYS D 82 0.67 -8.36 22.18
N THR D 83 1.18 -9.57 21.99
CA THR D 83 0.41 -10.62 21.32
C THR D 83 -0.84 -10.96 22.11
N ILE D 84 -0.72 -11.08 23.43
CA ILE D 84 -1.85 -11.45 24.27
C ILE D 84 -2.92 -10.38 24.24
N VAL D 85 -2.53 -9.10 24.39
CA VAL D 85 -3.53 -8.05 24.42
C VAL D 85 -4.17 -7.86 23.05
N LYS D 86 -3.40 -8.06 21.98
CA LYS D 86 -3.98 -8.05 20.64
C LYS D 86 -5.01 -9.14 20.44
N ARG D 87 -4.72 -10.36 20.90
CA ARG D 87 -5.70 -11.43 20.80
C ARG D 87 -6.93 -11.12 21.65
N ILE D 88 -6.75 -10.58 22.84
CA ILE D 88 -7.87 -10.26 23.71
C ILE D 88 -8.77 -9.21 23.06
N THR D 89 -8.18 -8.16 22.51
CA THR D 89 -8.96 -7.07 21.95
C THR D 89 -9.40 -7.32 20.52
N ARG D 90 -8.97 -8.39 19.88
CA ARG D 90 -9.42 -8.68 18.52
C ARG D 90 -10.28 -9.94 18.39
N ASP D 91 -10.28 -10.82 19.39
CA ASP D 91 -11.13 -12.00 19.33
C ASP D 91 -12.41 -11.87 20.15
N TYR D 92 -12.54 -10.79 20.93
CA TYR D 92 -13.71 -10.58 21.76
C TYR D 92 -14.31 -9.22 21.45
N GLU D 93 -15.63 -9.17 21.36
CA GLU D 93 -16.34 -7.94 21.00
C GLU D 93 -17.04 -7.38 22.22
N PRO D 94 -16.53 -6.31 22.84
CA PRO D 94 -17.19 -5.75 24.02
C PRO D 94 -18.47 -5.00 23.71
N ASN D 95 -18.77 -4.74 22.44
CA ASN D 95 -20.04 -4.13 22.07
C ASN D 95 -21.18 -5.14 22.11
N ASP D 96 -20.93 -6.36 21.63
CA ASP D 96 -21.89 -7.44 21.74
C ASP D 96 -22.11 -7.79 23.20
N GLU D 97 -21.07 -8.26 23.87
CA GLU D 97 -21.11 -8.58 25.28
C GLU D 97 -19.80 -8.15 25.95
N HIS D 98 -19.91 -7.69 27.19
CA HIS D 98 -18.75 -7.21 27.92
C HIS D 98 -17.92 -8.38 28.41
N LEU D 99 -16.61 -8.26 28.28
CA LEU D 99 -15.68 -9.32 28.62
C LEU D 99 -14.91 -8.99 29.89
N SER D 100 -14.02 -9.91 30.26
CA SER D 100 -13.26 -9.85 31.49
C SER D 100 -12.00 -10.68 31.31
N PHE D 101 -10.88 -10.20 31.82
CA PHE D 101 -9.60 -10.88 31.63
C PHE D 101 -8.60 -10.50 32.71
N CYS D 102 -7.55 -11.30 32.83
CA CYS D 102 -6.42 -11.02 33.70
C CYS D 102 -5.13 -11.35 32.97
N ILE D 103 -4.05 -10.66 33.30
CA ILE D 103 -2.73 -10.93 32.75
C ILE D 103 -1.84 -11.41 33.90
N ILE D 104 -1.27 -12.60 33.75
CA ILE D 104 -0.47 -13.22 34.81
C ILE D 104 0.96 -13.34 34.30
N GLU D 105 1.90 -12.83 35.10
CA GLU D 105 3.30 -12.78 34.72
C GLU D 105 4.10 -13.88 35.42
N ASN D 106 5.04 -14.46 34.68
CA ASN D 106 5.99 -15.43 35.22
C ASN D 106 7.22 -14.65 35.69
N ASP D 107 7.32 -14.45 37.00
CA ASP D 107 8.39 -13.66 37.58
C ASP D 107 9.63 -14.49 37.89
N ASN D 108 9.61 -15.78 37.55
CA ASN D 108 10.77 -16.66 37.68
C ASN D 108 11.49 -16.77 36.33
N VAL D 109 11.34 -15.74 35.50
CA VAL D 109 11.74 -15.79 34.09
C VAL D 109 12.32 -14.45 33.67
N PRO D 110 13.43 -14.42 32.94
CA PRO D 110 13.95 -13.15 32.42
C PRO D 110 13.10 -12.63 31.29
N PRO D 111 13.21 -11.34 30.94
CA PRO D 111 12.46 -10.82 29.81
C PRO D 111 12.76 -11.53 28.50
N VAL D 112 14.01 -11.91 28.29
CA VAL D 112 14.41 -12.71 27.13
C VAL D 112 14.70 -14.12 27.63
N HIS D 113 13.84 -15.06 27.26
CA HIS D 113 13.95 -16.40 27.81
C HIS D 113 13.68 -17.53 26.82
N TYR D 114 13.39 -17.23 25.58
CA TYR D 114 13.12 -18.43 24.80
C TYR D 114 14.37 -18.88 24.05
N PRO D 115 14.51 -20.17 23.79
CA PRO D 115 15.61 -20.66 22.97
C PRO D 115 15.22 -20.78 21.50
N ILE D 116 16.22 -21.10 20.68
CA ILE D 116 15.97 -21.33 19.26
C ILE D 116 15.14 -22.58 19.03
N HIS D 117 15.49 -23.69 19.69
CA HIS D 117 14.88 -24.99 19.43
C HIS D 117 13.50 -25.08 20.09
N GLU D 118 12.69 -26.02 19.61
CA GLU D 118 11.32 -26.18 20.08
C GLU D 118 11.24 -26.96 21.37
N ASP D 119 11.91 -26.48 22.41
CA ASP D 119 11.73 -26.95 23.78
C ASP D 119 11.95 -25.77 24.70
N LYS D 120 10.88 -25.06 25.04
CA LYS D 120 10.97 -23.66 25.41
C LYS D 120 10.55 -23.36 26.84
N GLY D 121 10.04 -24.33 27.57
CA GLY D 121 9.65 -24.10 28.96
C GLY D 121 8.33 -23.37 29.08
N GLU D 122 8.28 -22.50 30.08
CA GLU D 122 7.06 -21.79 30.44
C GLU D 122 7.07 -20.37 29.90
N PRO D 123 5.90 -19.84 29.50
CA PRO D 123 5.86 -18.50 28.94
C PRO D 123 6.07 -17.44 30.01
N GLY D 124 6.37 -16.22 29.56
CA GLY D 124 6.52 -15.12 30.48
C GLY D 124 5.20 -14.49 30.90
N TYR D 125 4.15 -14.70 30.10
CA TYR D 125 2.84 -14.14 30.36
C TYR D 125 1.77 -15.13 29.93
N VAL D 126 0.74 -15.28 30.75
CA VAL D 126 -0.47 -15.99 30.36
C VAL D 126 -1.67 -15.10 30.70
N ALA D 127 -2.78 -15.36 30.03
CA ALA D 127 -4.01 -14.62 30.25
C ALA D 127 -5.20 -15.53 30.17
N TYR D 128 -6.20 -15.26 31.00
CA TYR D 128 -7.49 -15.93 30.95
C TYR D 128 -8.53 -14.91 30.54
N VAL D 129 -9.27 -15.19 29.47
CA VAL D 129 -10.20 -14.23 28.90
C VAL D 129 -11.55 -14.89 28.75
N GLY D 130 -12.60 -14.20 29.18
CA GLY D 130 -13.94 -14.70 28.95
C GLY D 130 -14.97 -13.59 28.85
N TYR D 131 -16.22 -13.96 28.66
CA TYR D 131 -17.31 -13.00 28.59
C TYR D 131 -17.95 -12.90 29.97
N ASP D 132 -18.73 -11.84 30.18
CA ASP D 132 -19.33 -11.63 31.49
C ASP D 132 -20.46 -12.61 31.76
N THR D 133 -20.88 -13.37 30.75
CA THR D 133 -21.82 -14.46 30.97
C THR D 133 -21.25 -15.56 31.85
N ASP D 134 -19.94 -15.78 31.80
CA ASP D 134 -19.24 -16.64 32.75
C ASP D 134 -18.02 -15.87 33.28
N SER D 135 -18.26 -15.02 34.26
CA SER D 135 -17.23 -14.23 34.90
C SER D 135 -16.73 -14.86 36.18
N GLU D 136 -17.53 -15.73 36.80
CA GLU D 136 -17.09 -16.52 37.94
C GLU D 136 -15.96 -17.46 37.57
N LEU D 137 -15.99 -18.04 36.38
CA LEU D 137 -14.90 -18.91 35.94
C LEU D 137 -13.60 -18.15 35.78
N VAL D 138 -13.65 -16.95 35.20
CA VAL D 138 -12.45 -16.13 35.11
C VAL D 138 -11.98 -15.70 36.50
N GLN D 139 -12.92 -15.35 37.37
CA GLN D 139 -12.57 -14.94 38.73
C GLN D 139 -11.89 -16.06 39.52
N GLU D 140 -12.37 -17.29 39.41
CA GLU D 140 -11.75 -18.41 40.09
C GLU D 140 -10.59 -19.02 39.31
N LEU D 141 -10.37 -18.58 38.08
CA LEU D 141 -9.28 -19.07 37.27
C LEU D 141 -8.07 -18.15 37.31
N CYS D 142 -8.29 -16.85 37.52
CA CYS D 142 -7.24 -15.94 37.94
C CYS D 142 -7.25 -15.91 39.46
N ALA D 143 -6.23 -16.49 40.08
CA ALA D 143 -6.26 -16.75 41.51
C ALA D 143 -6.44 -15.48 42.33
N ASP D 144 -5.44 -14.60 42.31
CA ASP D 144 -5.54 -13.35 43.04
C ASP D 144 -4.98 -12.21 42.21
N SER D 145 -4.88 -12.41 40.90
CA SER D 145 -4.47 -11.36 39.99
C SER D 145 -5.63 -10.43 39.72
N THR D 146 -5.31 -9.16 39.48
CA THR D 146 -6.35 -8.18 39.19
C THR D 146 -7.04 -8.51 37.88
N ILE D 147 -8.34 -8.28 37.84
CA ILE D 147 -9.17 -8.60 36.69
C ILE D 147 -9.62 -7.31 36.03
N TYR D 148 -9.38 -7.22 34.72
CA TYR D 148 -9.70 -6.02 33.96
C TYR D 148 -10.99 -6.23 33.20
N HIS D 149 -11.85 -5.21 33.22
CA HIS D 149 -13.12 -5.24 32.54
C HIS D 149 -13.03 -4.37 31.29
N MET D 150 -13.75 -4.76 30.25
CA MET D 150 -13.57 -4.14 28.96
C MET D 150 -14.84 -4.23 28.11
#